data_3GJE
#
_entry.id   3GJE
#
_cell.length_a   117.057
_cell.length_b   117.057
_cell.length_c   78.801
_cell.angle_alpha   90.00
_cell.angle_beta   90.00
_cell.angle_gamma   90.00
#
_symmetry.space_group_name_H-M   'P 43'
#
loop_
_entity.id
_entity.type
_entity.pdbx_description
1 polymer 'Fab Light Chain'
2 polymer 'Fab Heavy Chain'
3 water water
#
loop_
_entity_poly.entity_id
_entity_poly.type
_entity_poly.pdbx_seq_one_letter_code
_entity_poly.pdbx_strand_id
1 'polypeptide(L)'
;QSELTQPRSVSGSPGQSVTISCTGTSRDVGGYNYVSWYQQHPGKAPKLIIHDVIERSSGVPDRFSGSKSGNTASLTISGL
QAEDEADYYCWSFAGSYYVFGTGTDVTVLGQPKANPTVTLFPPSSEELQANKATLVCLISDFYPGAVTVAWKADGSPVKA
GVETTKPSKQSNNKYAASSYLSLTPEQWKSHRSYSCQVTHEGNTVEKTVAPT
;
L,A
2 'polypeptide(L)'
;EVQLLESGGGLVQPGGSLRLSCAASGFTFSTYQMSWVRQAPGKGLEWVSGIVSSGGSTAYADSVKGRFTISRDNSKNTLY
LQMNSLRAEDTAVYYCAGELLPYYGMDVWGQGTTVTVSSASTKGPSVFPLAPSSKSTSGGTAALGCLVKDYFPEPVTVSW
NSGALTSGVHTFPAVLQSSGLYSLSSVVTVPSSSLGTQTYICNVNHKPSNTKVDKKVEPK
;
H,B
#
# COMPACT_ATOMS: atom_id res chain seq x y z
N GLN A 1 -34.18 -15.89 13.28
CA GLN A 1 -33.63 -15.34 14.57
C GLN A 1 -32.10 -15.07 14.64
N SER A 2 -31.35 -15.10 13.52
CA SER A 2 -31.79 -15.14 12.10
C SER A 2 -30.54 -15.45 11.30
N GLU A 3 -30.61 -16.36 10.31
CA GLU A 3 -29.44 -16.72 9.49
C GLU A 3 -29.16 -15.77 8.27
N LEU A 4 -29.81 -15.95 7.14
CA LEU A 4 -29.45 -15.23 5.91
C LEU A 4 -28.40 -15.99 5.14
N THR A 5 -28.89 -16.97 4.41
CA THR A 5 -28.12 -18.01 3.77
C THR A 5 -27.63 -17.54 2.42
N GLN A 6 -26.33 -17.67 2.24
CA GLN A 6 -25.67 -17.46 0.97
C GLN A 6 -24.95 -18.74 0.54
N PRO A 7 -24.78 -18.89 -0.78
CA PRO A 7 -23.91 -19.93 -1.30
C PRO A 7 -22.53 -19.72 -0.72
N ARG A 8 -21.81 -20.82 -0.41
CA ARG A 8 -20.50 -20.71 0.19
C ARG A 8 -19.49 -20.00 -0.74
N SER A 9 -19.56 -20.33 -2.00
CA SER A 9 -18.59 -19.91 -2.93
C SER A 9 -19.19 -19.93 -4.32
N VAL A 10 -18.80 -18.97 -5.16
CA VAL A 10 -19.16 -19.03 -6.56
C VAL A 10 -17.98 -18.55 -7.32
N SER A 11 -17.72 -19.14 -8.47
CA SER A 11 -16.63 -18.72 -9.34
C SER A 11 -17.11 -18.30 -10.71
N GLY A 12 -16.37 -17.37 -11.30
CA GLY A 12 -16.57 -17.00 -12.68
C GLY A 12 -15.35 -16.69 -13.44
N SER A 13 -15.52 -16.74 -14.74
CA SER A 13 -14.48 -16.35 -15.62
C SER A 13 -14.50 -14.84 -15.90
N PRO A 14 -13.38 -14.27 -16.34
CA PRO A 14 -13.30 -12.84 -16.60
C PRO A 14 -14.29 -12.42 -17.64
N GLY A 15 -14.99 -11.34 -17.35
CA GLY A 15 -15.90 -10.76 -18.27
C GLY A 15 -17.31 -11.28 -18.13
N GLN A 16 -17.51 -12.26 -17.25
CA GLN A 16 -18.79 -12.93 -17.03
C GLN A 16 -19.60 -12.27 -15.90
N SER A 17 -20.84 -12.73 -15.70
CA SER A 17 -21.66 -12.32 -14.56
C SER A 17 -21.84 -13.43 -13.57
N VAL A 18 -21.88 -13.07 -12.31
CA VAL A 18 -22.26 -14.03 -11.29
C VAL A 18 -23.33 -13.39 -10.42
N THR A 19 -24.24 -14.20 -9.86
CA THR A 19 -25.25 -13.66 -9.01
C THR A 19 -25.11 -14.36 -7.66
N ILE A 20 -25.40 -13.65 -6.58
CA ILE A 20 -25.26 -14.18 -5.23
C ILE A 20 -26.54 -13.97 -4.46
N SER A 21 -27.21 -15.08 -4.14
CA SER A 21 -28.45 -15.07 -3.40
C SER A 21 -28.20 -14.99 -1.92
N CYS A 22 -29.25 -14.64 -1.19
CA CYS A 22 -29.20 -14.33 0.21
C CYS A 22 -30.63 -14.54 0.72
N THR A 23 -30.89 -15.70 1.31
CA THR A 23 -32.26 -16.05 1.74
C THR A 23 -32.45 -15.88 3.21
N GLY A 24 -33.38 -15.00 3.57
CA GLY A 24 -33.71 -14.80 4.95
C GLY A 24 -35.15 -15.23 5.18
N THR A 25 -35.81 -14.50 6.07
CA THR A 25 -37.22 -14.68 6.37
C THR A 25 -38.02 -13.40 6.17
N SER A 26 -39.34 -13.57 6.14
CA SER A 26 -40.32 -12.47 6.11
C SER A 26 -40.00 -11.39 7.15
N ARG A 27 -39.22 -11.74 8.17
CA ARG A 27 -38.81 -10.87 9.30
C ARG A 27 -37.48 -10.07 9.12
N ASP A 28 -36.82 -10.27 7.98
CA ASP A 28 -35.60 -9.55 7.64
C ASP A 28 -35.51 -9.16 6.15
N VAL A 29 -34.89 -9.99 5.30
CA VAL A 29 -34.82 -9.68 3.86
C VAL A 29 -36.23 -9.47 3.24
N GLY A 30 -37.24 -10.09 3.83
CA GLY A 30 -38.63 -9.94 3.37
C GLY A 30 -39.38 -8.93 4.24
N GLY A 31 -38.74 -8.57 5.37
CA GLY A 31 -39.32 -7.79 6.46
C GLY A 31 -38.92 -6.33 6.51
N TYR A 32 -38.25 -5.83 5.46
CA TYR A 32 -37.85 -4.41 5.25
C TYR A 32 -37.21 -4.31 3.87
N ASN A 33 -36.99 -3.10 3.39
CA ASN A 33 -36.08 -2.93 2.24
C ASN A 33 -34.67 -2.46 2.70
N TYR A 34 -34.18 -3.02 3.79
CA TYR A 34 -32.95 -2.56 4.38
C TYR A 34 -31.97 -3.68 4.28
N VAL A 35 -31.71 -4.04 3.02
CA VAL A 35 -30.72 -4.97 2.59
C VAL A 35 -29.44 -4.25 2.00
N SER A 36 -28.29 -4.56 2.59
CA SER A 36 -27.01 -4.07 2.14
C SER A 36 -26.13 -5.21 1.72
N TRP A 37 -25.18 -4.90 0.87
CA TRP A 37 -24.17 -5.85 0.54
C TRP A 37 -22.84 -5.26 0.87
N TYR A 38 -21.92 -6.13 1.30
CA TYR A 38 -20.58 -5.74 1.65
C TYR A 38 -19.59 -6.53 0.82
N GLN A 39 -18.50 -5.86 0.46
CA GLN A 39 -17.43 -6.52 -0.20
C GLN A 39 -16.22 -6.40 0.79
N GLN A 40 -15.42 -7.43 0.92
CA GLN A 40 -14.30 -7.36 1.87
C GLN A 40 -13.16 -8.16 1.31
N HIS A 41 -12.05 -7.50 1.03
CA HIS A 41 -10.82 -8.22 0.70
C HIS A 41 -10.12 -8.69 1.99
N PRO A 42 -9.28 -9.76 1.92
CA PRO A 42 -8.51 -10.26 3.09
C PRO A 42 -7.78 -9.18 3.83
N GLY A 43 -7.93 -9.15 5.16
CA GLY A 43 -7.21 -8.23 6.03
C GLY A 43 -7.61 -6.78 5.98
N LYS A 44 -8.78 -6.49 5.41
CA LYS A 44 -9.24 -5.12 5.40
C LYS A 44 -10.65 -5.19 5.84
N ALA A 45 -11.15 -4.04 6.29
CA ALA A 45 -12.51 -3.89 6.72
C ALA A 45 -13.53 -4.08 5.55
N PRO A 46 -14.72 -4.58 5.87
CA PRO A 46 -15.74 -4.69 4.79
C PRO A 46 -16.08 -3.33 4.18
N LYS A 47 -16.32 -3.29 2.86
CA LYS A 47 -16.78 -2.11 2.16
C LYS A 47 -18.29 -2.21 1.77
N LEU A 48 -19.10 -1.29 2.25
CA LEU A 48 -20.51 -1.22 1.87
C LEU A 48 -20.66 -0.92 0.38
N ILE A 49 -21.30 -1.80 -0.41
CA ILE A 49 -21.38 -1.52 -1.87
C ILE A 49 -22.80 -1.28 -2.40
N ILE A 50 -23.83 -1.81 -1.75
CA ILE A 50 -25.22 -1.67 -2.15
C ILE A 50 -25.91 -1.42 -0.85
N HIS A 51 -26.83 -0.48 -0.82
CA HIS A 51 -27.64 -0.25 0.36
C HIS A 51 -29.06 -0.08 -0.12
N ASP A 52 -30.05 -0.30 0.73
CA ASP A 52 -31.45 -0.11 0.38
C ASP A 52 -31.85 -1.03 -0.79
N VAL A 53 -31.44 -2.31 -0.69
CA VAL A 53 -31.63 -3.30 -1.75
C VAL A 53 -30.88 -3.06 -3.07
N ILE A 54 -31.03 -1.85 -3.63
CA ILE A 54 -30.70 -1.57 -5.03
C ILE A 54 -29.75 -0.42 -5.23
N GLU A 55 -29.44 0.37 -4.19
CA GLU A 55 -28.66 1.59 -4.42
C GLU A 55 -27.18 1.40 -4.27
N ARG A 56 -26.39 1.69 -5.28
CA ARG A 56 -24.91 1.68 -5.14
C ARG A 56 -24.34 2.84 -4.32
N SER A 57 -23.34 2.53 -3.49
CA SER A 57 -22.48 3.48 -2.85
C SER A 57 -21.67 4.30 -3.84
N SER A 58 -21.20 5.47 -3.38
CA SER A 58 -20.29 6.31 -4.15
C SER A 58 -19.12 5.51 -4.63
N GLY A 59 -18.86 5.70 -5.92
CA GLY A 59 -17.74 5.09 -6.57
C GLY A 59 -17.88 3.61 -6.82
N VAL A 60 -19.07 3.03 -6.57
CA VAL A 60 -19.32 1.62 -6.98
C VAL A 60 -19.86 1.60 -8.40
N PRO A 61 -19.13 0.94 -9.34
CA PRO A 61 -19.57 0.93 -10.72
C PRO A 61 -20.88 0.23 -10.87
N ASP A 62 -21.57 0.64 -11.93
CA ASP A 62 -22.77 0.09 -12.49
C ASP A 62 -22.78 -1.43 -12.61
N ARG A 63 -21.61 -2.05 -12.64
CA ARG A 63 -21.59 -3.47 -12.88
C ARG A 63 -21.96 -4.29 -11.61
N PHE A 64 -22.12 -3.61 -10.46
CA PHE A 64 -22.77 -4.12 -9.24
C PHE A 64 -24.23 -3.69 -9.19
N SER A 65 -25.13 -4.66 -9.10
CA SER A 65 -26.51 -4.37 -8.85
C SER A 65 -27.11 -5.29 -7.80
N GLY A 66 -28.17 -4.79 -7.13
CA GLY A 66 -28.92 -5.55 -6.16
C GLY A 66 -30.43 -5.64 -6.49
N SER A 67 -31.06 -6.72 -6.11
CA SER A 67 -32.48 -6.87 -6.30
C SER A 67 -33.02 -7.69 -5.16
N LYS A 68 -34.29 -8.05 -5.29
CA LYS A 68 -35.00 -8.80 -4.28
C LYS A 68 -36.28 -9.52 -4.85
N SER A 69 -36.54 -10.75 -4.39
CA SER A 69 -37.85 -11.44 -4.60
C SER A 69 -38.25 -12.13 -3.30
N GLY A 70 -39.22 -11.51 -2.65
CA GLY A 70 -39.77 -12.07 -1.45
C GLY A 70 -38.76 -12.13 -0.34
N ASN A 71 -38.24 -13.33 -0.05
CA ASN A 71 -37.30 -13.42 1.08
C ASN A 71 -35.83 -13.57 0.67
N THR A 72 -35.57 -13.56 -0.64
CA THR A 72 -34.21 -13.66 -1.19
C THR A 72 -33.73 -12.37 -1.85
N ALA A 73 -32.59 -11.83 -1.37
CA ALA A 73 -31.95 -10.67 -2.04
C ALA A 73 -30.88 -11.22 -2.92
N SER A 74 -30.50 -10.48 -3.96
CA SER A 74 -29.44 -10.88 -4.86
C SER A 74 -28.51 -9.75 -5.23
N LEU A 75 -27.25 -10.09 -5.37
CA LEU A 75 -26.21 -9.21 -5.81
C LEU A 75 -25.77 -9.78 -7.12
N THR A 76 -25.81 -8.98 -8.19
CA THR A 76 -25.19 -9.40 -9.45
C THR A 76 -23.95 -8.57 -9.77
N ILE A 77 -22.92 -9.25 -10.22
CA ILE A 77 -21.70 -8.61 -10.68
C ILE A 77 -21.45 -8.98 -12.12
N SER A 78 -21.49 -8.01 -13.03
CA SER A 78 -21.27 -8.24 -14.45
C SER A 78 -19.90 -7.71 -14.90
N GLY A 79 -19.44 -8.14 -16.04
CA GLY A 79 -18.04 -7.86 -16.43
C GLY A 79 -16.96 -8.14 -15.37
N LEU A 80 -17.10 -9.26 -14.66
CA LEU A 80 -16.20 -9.69 -13.59
C LEU A 80 -14.73 -9.41 -13.87
N GLN A 81 -14.09 -8.70 -12.93
CA GLN A 81 -12.71 -8.30 -13.08
C GLN A 81 -11.93 -8.96 -11.92
N ALA A 82 -10.63 -9.16 -12.09
CA ALA A 82 -9.74 -9.67 -10.99
C ALA A 82 -9.98 -9.06 -9.64
N GLU A 83 -10.22 -7.76 -9.59
CA GLU A 83 -10.42 -7.07 -8.31
C GLU A 83 -11.73 -7.36 -7.57
N ASP A 84 -12.69 -7.94 -8.31
CA ASP A 84 -13.96 -8.37 -7.73
C ASP A 84 -13.78 -9.64 -6.81
N GLU A 85 -12.67 -10.34 -6.98
CA GLU A 85 -12.32 -11.52 -6.15
C GLU A 85 -12.26 -11.10 -4.66
N ALA A 86 -13.15 -11.66 -3.85
CA ALA A 86 -13.36 -11.12 -2.52
C ALA A 86 -14.48 -11.90 -1.84
N ASP A 87 -14.77 -11.58 -0.58
CA ASP A 87 -15.97 -12.10 0.09
C ASP A 87 -17.10 -11.06 0.13
N TYR A 88 -18.35 -11.54 0.03
CA TYR A 88 -19.51 -10.66 -0.08
C TYR A 88 -20.47 -11.17 0.92
N TYR A 89 -21.01 -10.22 1.68
CA TYR A 89 -21.92 -10.42 2.75
C TYR A 89 -23.13 -9.55 2.52
N CYS A 90 -24.33 -10.14 2.56
CA CYS A 90 -25.54 -9.36 2.69
C CYS A 90 -25.77 -9.02 4.14
N TRP A 91 -26.76 -8.19 4.37
CA TRP A 91 -27.05 -7.64 5.66
C TRP A 91 -28.46 -7.09 5.56
N SER A 92 -29.16 -7.19 6.67
CA SER A 92 -30.52 -6.71 6.78
C SER A 92 -30.76 -6.27 8.19
N PHE A 93 -31.65 -5.30 8.34
CA PHE A 93 -32.22 -4.98 9.65
C PHE A 93 -33.12 -6.16 9.97
N ALA A 94 -33.27 -6.40 11.26
CA ALA A 94 -34.06 -7.53 11.72
C ALA A 94 -34.78 -7.14 12.99
N GLY A 95 -35.26 -5.89 13.03
CA GLY A 95 -36.31 -5.45 13.95
C GLY A 95 -35.77 -5.07 15.28
N SER A 96 -35.15 -6.03 15.96
CA SER A 96 -34.51 -5.70 17.22
C SER A 96 -33.00 -5.95 17.16
N TYR A 97 -32.51 -6.27 15.95
CA TYR A 97 -31.09 -6.53 15.73
C TYR A 97 -30.72 -6.40 14.23
N TYR A 98 -29.43 -6.57 13.95
CA TYR A 98 -28.90 -6.64 12.61
C TYR A 98 -28.27 -7.96 12.42
N VAL A 99 -28.25 -8.40 11.17
CA VAL A 99 -27.67 -9.67 10.82
C VAL A 99 -26.90 -9.59 9.51
N PHE A 100 -25.67 -10.09 9.56
CA PHE A 100 -24.91 -10.42 8.35
C PHE A 100 -25.23 -11.78 7.78
N GLY A 101 -25.19 -11.90 6.46
CA GLY A 101 -25.32 -13.16 5.83
C GLY A 101 -24.10 -13.97 6.11
N THR A 102 -24.16 -15.25 5.70
CA THR A 102 -23.14 -16.25 5.97
C THR A 102 -21.89 -16.07 5.10
N GLY A 103 -21.97 -15.24 4.05
CA GLY A 103 -20.83 -14.90 3.25
C GLY A 103 -20.63 -15.79 2.07
N THR A 104 -20.21 -15.18 0.97
CA THR A 104 -19.91 -15.93 -0.26
C THR A 104 -18.49 -15.57 -0.67
N ASP A 105 -17.65 -16.56 -0.88
CA ASP A 105 -16.31 -16.34 -1.43
C ASP A 105 -16.36 -16.37 -2.97
N VAL A 106 -16.04 -15.22 -3.56
CA VAL A 106 -16.11 -15.10 -5.05
C VAL A 106 -14.72 -15.24 -5.64
N THR A 107 -14.54 -16.20 -6.53
CA THR A 107 -13.22 -16.41 -7.15
C THR A 107 -13.41 -16.01 -8.60
N VAL A 108 -12.39 -15.34 -9.14
CA VAL A 108 -12.37 -14.98 -10.54
C VAL A 108 -11.24 -15.76 -11.17
N LEU A 109 -11.55 -16.51 -12.23
CA LEU A 109 -10.66 -17.50 -12.79
C LEU A 109 -9.93 -17.05 -14.03
N GLY A 110 -9.59 -17.99 -14.91
CA GLY A 110 -8.46 -17.75 -15.82
C GLY A 110 -7.28 -17.34 -14.93
N GLN A 111 -6.63 -16.21 -15.20
CA GLN A 111 -5.33 -15.94 -14.57
C GLN A 111 -4.30 -17.04 -14.91
N PRO A 112 -3.12 -16.62 -15.40
CA PRO A 112 -2.18 -17.57 -15.94
C PRO A 112 -1.61 -18.45 -14.83
N LYS A 113 -1.55 -19.75 -15.08
CA LYS A 113 -0.72 -20.67 -14.30
C LYS A 113 0.71 -20.14 -14.19
N ALA A 114 1.23 -20.13 -12.97
CA ALA A 114 2.56 -19.57 -12.70
C ALA A 114 3.31 -20.58 -11.89
N ASN A 115 4.60 -20.71 -12.19
CA ASN A 115 5.45 -21.64 -11.48
C ASN A 115 6.07 -20.88 -10.29
N PRO A 116 6.21 -21.54 -9.14
CA PRO A 116 6.70 -20.84 -7.94
C PRO A 116 8.17 -20.40 -8.00
N THR A 117 8.49 -19.31 -7.32
CA THR A 117 9.86 -19.06 -6.98
C THR A 117 10.15 -19.63 -5.59
N VAL A 118 11.12 -20.54 -5.53
CA VAL A 118 11.62 -21.14 -4.29
C VAL A 118 12.91 -20.50 -3.82
N THR A 119 12.94 -20.14 -2.53
CA THR A 119 14.09 -19.56 -1.86
C THR A 119 14.39 -20.33 -0.54
N LEU A 120 15.57 -20.99 -0.48
CA LEU A 120 15.94 -21.83 0.65
C LEU A 120 17.09 -21.25 1.51
N PHE A 121 16.80 -20.94 2.77
CA PHE A 121 17.81 -20.54 3.69
C PHE A 121 18.19 -21.67 4.69
N PRO A 122 19.50 -21.77 4.97
CA PRO A 122 20.01 -22.69 5.96
C PRO A 122 19.93 -22.01 7.32
N PRO A 123 20.27 -22.73 8.41
CA PRO A 123 20.22 -22.10 9.72
C PRO A 123 21.28 -21.05 9.85
N SER A 124 20.96 -19.96 10.53
CA SER A 124 21.91 -18.92 10.73
C SER A 124 22.87 -19.30 11.88
N SER A 125 24.01 -18.60 11.93
CA SER A 125 24.98 -18.73 13.02
C SER A 125 24.39 -18.38 14.36
N GLU A 126 23.64 -17.28 14.47
CA GLU A 126 22.94 -16.90 15.73
C GLU A 126 22.01 -18.01 16.25
N GLU A 127 21.33 -18.71 15.35
CA GLU A 127 20.41 -19.79 15.71
C GLU A 127 21.14 -21.02 16.24
N LEU A 128 22.16 -21.46 15.51
CA LEU A 128 23.04 -22.57 15.83
C LEU A 128 23.83 -22.40 17.15
N GLN A 129 24.25 -21.17 17.44
CA GLN A 129 24.75 -20.85 18.76
C GLN A 129 23.66 -20.96 19.84
N ALA A 130 22.39 -20.76 19.47
CA ALA A 130 21.25 -20.96 20.38
C ALA A 130 20.89 -22.43 20.54
N ASN A 131 21.70 -23.29 19.91
CA ASN A 131 21.45 -24.73 19.81
C ASN A 131 20.15 -25.19 19.09
N LYS A 132 19.72 -24.44 18.07
CA LYS A 132 18.63 -24.86 17.19
C LYS A 132 19.07 -24.68 15.75
N ALA A 133 18.31 -25.22 14.81
CA ALA A 133 18.58 -25.12 13.36
C ALA A 133 17.28 -25.24 12.58
N THR A 134 16.99 -24.24 11.77
CA THR A 134 15.75 -24.21 10.96
C THR A 134 16.12 -23.86 9.53
N LEU A 135 15.80 -24.78 8.64
CA LEU A 135 15.82 -24.55 7.23
C LEU A 135 14.47 -23.97 6.80
N VAL A 136 14.53 -22.86 6.05
CA VAL A 136 13.35 -22.10 5.65
C VAL A 136 13.23 -22.17 4.13
N CYS A 137 12.17 -22.81 3.67
CA CYS A 137 11.81 -22.89 2.25
C CYS A 137 10.56 -22.04 1.91
N LEU A 138 10.79 -20.94 1.18
CA LEU A 138 9.81 -19.93 0.87
C LEU A 138 9.37 -20.08 -0.56
N ILE A 139 8.05 -20.23 -0.76
CA ILE A 139 7.51 -20.55 -2.05
C ILE A 139 6.53 -19.50 -2.48
N SER A 140 6.79 -18.81 -3.59
CA SER A 140 5.94 -17.70 -3.92
C SER A 140 5.60 -17.59 -5.40
N ASP A 141 4.65 -16.69 -5.70
CA ASP A 141 4.19 -16.40 -7.04
C ASP A 141 3.74 -17.61 -7.82
N PHE A 142 2.92 -18.45 -7.22
CA PHE A 142 2.42 -19.61 -7.95
C PHE A 142 0.89 -19.63 -8.15
N TYR A 143 0.48 -20.21 -9.27
CA TYR A 143 -0.90 -20.40 -9.57
C TYR A 143 -1.12 -21.70 -10.33
N PRO A 144 -2.08 -22.55 -9.91
CA PRO A 144 -3.05 -22.55 -8.78
C PRO A 144 -2.38 -22.60 -7.41
N GLY A 145 -3.17 -22.84 -6.36
CA GLY A 145 -2.71 -22.79 -4.97
C GLY A 145 -2.60 -24.17 -4.34
N ALA A 146 -1.80 -25.02 -4.97
CA ALA A 146 -1.46 -26.31 -4.46
C ALA A 146 -0.01 -26.53 -4.81
N VAL A 147 0.80 -26.91 -3.83
CA VAL A 147 2.19 -27.33 -4.06
C VAL A 147 2.50 -28.48 -3.16
N THR A 148 3.52 -29.22 -3.55
CA THR A 148 4.00 -30.32 -2.73
C THR A 148 5.46 -30.12 -2.38
N VAL A 149 5.75 -30.22 -1.10
CA VAL A 149 7.11 -30.08 -0.61
C VAL A 149 7.66 -31.46 -0.17
N ALA A 150 8.87 -31.77 -0.66
CA ALA A 150 9.69 -32.89 -0.18
C ALA A 150 10.98 -32.32 0.33
N TRP A 151 11.43 -32.82 1.48
CA TRP A 151 12.74 -32.45 2.00
C TRP A 151 13.76 -33.58 1.75
N LYS A 152 15.06 -33.22 1.64
CA LYS A 152 16.12 -34.20 1.45
C LYS A 152 17.30 -33.89 2.36
N ALA A 153 17.97 -34.96 2.80
CA ALA A 153 19.27 -34.90 3.48
C ALA A 153 20.23 -35.79 2.66
N ASP A 154 21.31 -35.20 2.18
CA ASP A 154 22.18 -35.84 1.21
C ASP A 154 21.33 -36.50 0.13
N GLY A 155 21.48 -37.79 -0.08
CA GLY A 155 20.60 -38.45 -1.04
C GLY A 155 19.14 -38.27 -0.65
N SER A 156 18.90 -38.58 0.62
CA SER A 156 17.70 -39.25 1.13
C SER A 156 16.65 -38.33 1.75
N PRO A 157 15.35 -38.74 1.72
CA PRO A 157 14.20 -38.00 2.26
C PRO A 157 14.24 -37.76 3.77
N VAL A 158 13.66 -36.66 4.22
CA VAL A 158 13.50 -36.41 5.65
C VAL A 158 12.06 -35.94 5.89
N LYS A 159 11.28 -36.76 6.60
CA LYS A 159 9.87 -36.41 6.90
C LYS A 159 9.62 -35.98 8.36
N ALA A 160 10.63 -36.16 9.22
CA ALA A 160 10.54 -35.70 10.62
C ALA A 160 10.93 -34.22 10.76
N GLY A 161 10.12 -33.50 11.55
CA GLY A 161 10.35 -32.09 11.87
C GLY A 161 10.00 -31.08 10.77
N VAL A 162 9.05 -31.44 9.90
CA VAL A 162 8.59 -30.54 8.83
C VAL A 162 7.26 -29.85 9.18
N GLU A 163 7.21 -28.52 9.11
CA GLU A 163 5.93 -27.78 9.20
C GLU A 163 5.77 -26.95 7.93
N THR A 164 4.65 -27.15 7.24
CA THR A 164 4.39 -26.49 5.98
C THR A 164 3.04 -25.78 6.04
N THR A 165 2.98 -24.54 5.63
CA THR A 165 1.75 -23.79 5.64
C THR A 165 0.83 -24.16 4.45
N LYS A 166 -0.40 -23.66 4.50
CA LYS A 166 -1.35 -23.84 3.42
C LYS A 166 -1.06 -22.67 2.53
N PRO A 167 -1.18 -22.85 1.21
CA PRO A 167 -1.01 -21.63 0.38
C PRO A 167 -2.02 -20.52 0.66
N SER A 168 -1.58 -19.27 0.52
CA SER A 168 -2.45 -18.13 0.69
C SER A 168 -2.17 -17.17 -0.44
N LYS A 169 -3.21 -16.42 -0.82
CA LYS A 169 -3.18 -15.49 -1.93
C LYS A 169 -2.36 -14.28 -1.48
N GLN A 170 -1.33 -13.90 -2.23
CA GLN A 170 -0.57 -12.72 -1.85
C GLN A 170 -1.34 -11.55 -2.43
N SER A 171 -0.80 -10.33 -2.41
CA SER A 171 -1.53 -9.23 -2.99
C SER A 171 -2.41 -9.75 -4.14
N ASN A 172 -1.72 -10.31 -5.15
CA ASN A 172 -2.13 -10.38 -6.55
C ASN A 172 -2.90 -11.61 -6.89
N ASN A 173 -3.45 -12.24 -5.87
CA ASN A 173 -4.17 -13.51 -6.08
C ASN A 173 -3.25 -14.61 -6.71
N LYS A 174 -1.94 -14.30 -6.82
CA LYS A 174 -0.92 -15.37 -6.84
C LYS A 174 -0.57 -15.80 -5.42
N TYR A 175 -0.38 -17.11 -5.24
CA TYR A 175 -0.16 -17.78 -3.95
C TYR A 175 1.31 -17.84 -3.38
N ALA A 176 1.42 -17.85 -2.04
CA ALA A 176 2.71 -18.04 -1.34
C ALA A 176 2.54 -19.08 -0.28
N ALA A 177 3.53 -19.95 -0.07
CA ALA A 177 3.62 -20.81 1.14
C ALA A 177 5.04 -20.90 1.71
N SER A 178 5.21 -21.49 2.89
CA SER A 178 6.52 -21.69 3.48
C SER A 178 6.54 -23.07 4.01
N SER A 179 7.77 -23.61 4.06
CA SER A 179 8.06 -24.85 4.75
C SER A 179 9.29 -24.73 5.65
N TYR A 180 9.19 -25.35 6.82
CA TYR A 180 10.21 -25.26 7.87
C TYR A 180 10.69 -26.66 8.26
N LEU A 181 12.01 -26.89 8.17
CA LEU A 181 12.62 -28.13 8.61
C LEU A 181 13.43 -27.79 9.83
N SER A 182 13.00 -28.32 10.97
CA SER A 182 13.71 -28.19 12.24
C SER A 182 14.61 -29.41 12.45
N LEU A 183 15.88 -29.12 12.63
CA LEU A 183 16.92 -30.09 12.85
C LEU A 183 17.64 -29.71 14.16
N THR A 184 18.51 -30.60 14.66
CA THR A 184 19.50 -30.22 15.68
C THR A 184 20.78 -29.74 14.96
N PRO A 185 21.56 -28.84 15.61
CA PRO A 185 22.84 -28.36 15.09
C PRO A 185 23.84 -29.44 14.65
N GLU A 186 23.73 -30.63 15.24
CA GLU A 186 24.55 -31.80 14.88
C GLU A 186 23.99 -32.64 13.71
N GLN A 187 22.65 -32.71 13.55
CA GLN A 187 22.15 -33.38 12.33
C GLN A 187 22.33 -32.53 11.04
N TRP A 188 22.38 -31.21 11.22
CA TRP A 188 22.71 -30.26 10.15
C TRP A 188 24.19 -30.41 9.75
N LYS A 189 25.04 -30.47 10.78
CA LYS A 189 26.49 -30.70 10.62
C LYS A 189 26.86 -32.08 10.04
N SER A 190 25.97 -33.07 10.16
CA SER A 190 26.28 -34.45 9.76
C SER A 190 25.93 -34.86 8.33
N HIS A 191 25.38 -33.93 7.56
CA HIS A 191 25.21 -34.15 6.12
C HIS A 191 26.03 -33.15 5.32
N ARG A 192 26.25 -33.49 4.04
CA ARG A 192 26.93 -32.65 3.05
C ARG A 192 25.94 -31.59 2.55
N SER A 193 24.68 -32.00 2.34
CA SER A 193 23.64 -31.06 1.87
C SER A 193 22.19 -31.39 2.33
N TYR A 194 21.36 -30.32 2.45
CA TYR A 194 19.89 -30.47 2.51
C TYR A 194 19.15 -29.86 1.32
N SER A 195 18.08 -30.50 0.89
CA SER A 195 17.28 -29.98 -0.22
C SER A 195 15.80 -29.71 0.13
N CYS A 196 15.22 -28.68 -0.51
CA CYS A 196 13.77 -28.40 -0.50
C CYS A 196 13.31 -28.63 -1.92
N GLN A 197 12.40 -29.56 -2.09
CA GLN A 197 11.98 -29.93 -3.42
C GLN A 197 10.49 -29.67 -3.50
N VAL A 198 10.13 -28.73 -4.37
CA VAL A 198 8.76 -28.23 -4.51
C VAL A 198 8.19 -28.68 -5.85
N THR A 199 7.08 -29.42 -5.80
CA THR A 199 6.30 -29.76 -7.01
C THR A 199 5.00 -28.92 -7.14
N HIS A 200 4.73 -28.47 -8.37
CA HIS A 200 3.53 -27.74 -8.77
C HIS A 200 3.22 -28.25 -10.18
N GLU A 201 1.98 -28.71 -10.38
CA GLU A 201 1.50 -29.32 -11.65
C GLU A 201 2.58 -30.19 -12.28
N GLY A 202 2.96 -31.26 -11.59
CA GLY A 202 3.96 -32.22 -12.09
C GLY A 202 5.40 -31.77 -12.32
N ASN A 203 5.66 -30.45 -12.24
CA ASN A 203 7.01 -29.85 -12.33
C ASN A 203 7.72 -29.67 -10.99
N THR A 204 8.82 -30.41 -10.78
CA THR A 204 9.61 -30.29 -9.55
C THR A 204 10.76 -29.28 -9.62
N VAL A 205 10.80 -28.36 -8.66
CA VAL A 205 11.92 -27.42 -8.55
C VAL A 205 12.67 -27.67 -7.24
N GLU A 206 14.01 -27.64 -7.30
CA GLU A 206 14.80 -27.98 -6.12
C GLU A 206 15.79 -26.89 -5.77
N LYS A 207 15.94 -26.69 -4.47
CA LYS A 207 16.95 -25.81 -3.97
C LYS A 207 17.68 -26.62 -2.90
N THR A 208 18.93 -26.27 -2.64
CA THR A 208 19.86 -27.11 -1.86
C THR A 208 20.74 -26.23 -1.01
N VAL A 209 20.82 -26.53 0.29
CA VAL A 209 21.79 -25.86 1.14
C VAL A 209 22.71 -26.84 1.83
N ALA A 210 23.82 -26.32 2.37
CA ALA A 210 24.89 -27.12 2.99
C ALA A 210 25.74 -26.25 3.94
N PRO A 211 26.32 -26.86 5.00
CA PRO A 211 27.10 -26.17 6.05
C PRO A 211 28.19 -25.09 5.72
N THR A 212 29.19 -25.40 4.89
CA THR A 212 30.40 -24.54 4.64
C THR A 212 31.67 -25.20 5.19
N GLU B 1 -10.14 11.34 6.37
CA GLU B 1 -11.13 12.37 6.80
C GLU B 1 -12.16 11.83 7.82
N VAL B 2 -13.24 11.21 7.31
CA VAL B 2 -14.22 10.42 8.10
C VAL B 2 -13.58 9.12 8.59
N GLN B 3 -13.16 9.12 9.85
CA GLN B 3 -12.35 8.08 10.45
C GLN B 3 -12.88 7.54 11.79
N LEU B 4 -12.63 6.26 12.08
CA LEU B 4 -12.90 5.67 13.39
C LEU B 4 -11.64 4.96 13.87
N LEU B 5 -11.10 5.38 15.01
CA LEU B 5 -9.83 4.82 15.46
C LEU B 5 -9.98 4.03 16.73
N GLU B 6 -9.74 2.72 16.65
CA GLU B 6 -9.97 1.79 17.73
C GLU B 6 -8.74 1.38 18.49
N SER B 7 -8.96 1.05 19.78
CA SER B 7 -7.93 0.58 20.68
C SER B 7 -8.50 -0.45 21.61
N GLY B 8 -7.62 -1.13 22.32
CA GLY B 8 -8.06 -1.97 23.41
C GLY B 8 -8.01 -3.50 23.21
N GLY B 9 -7.67 -3.98 22.03
CA GLY B 9 -7.70 -5.44 21.83
C GLY B 9 -6.62 -6.10 22.67
N GLY B 10 -6.51 -7.40 22.66
CA GLY B 10 -5.47 -8.01 23.48
C GLY B 10 -5.60 -9.52 23.59
N LEU B 11 -4.56 -10.15 24.18
CA LEU B 11 -4.64 -11.51 24.68
C LEU B 11 -5.28 -11.48 26.07
N VAL B 12 -6.23 -12.39 26.32
CA VAL B 12 -6.96 -12.45 27.59
C VAL B 12 -7.17 -13.91 27.97
N GLN B 13 -7.08 -14.20 29.28
CA GLN B 13 -7.43 -15.57 29.79
C GLN B 13 -8.93 -15.80 29.69
N PRO B 14 -9.37 -17.06 29.50
CA PRO B 14 -10.84 -17.27 29.66
C PRO B 14 -11.34 -16.74 31.01
N GLY B 15 -12.49 -16.06 31.01
CA GLY B 15 -13.10 -15.47 32.21
C GLY B 15 -12.73 -14.02 32.33
N GLY B 16 -11.73 -13.59 31.55
CA GLY B 16 -11.25 -12.25 31.67
C GLY B 16 -12.18 -11.24 31.05
N SER B 17 -11.75 -10.01 31.09
CA SER B 17 -12.49 -8.88 30.59
C SER B 17 -11.53 -7.97 29.78
N LEU B 18 -12.11 -7.02 29.03
CA LEU B 18 -11.39 -6.18 28.10
C LEU B 18 -12.35 -5.14 27.68
N ARG B 19 -11.90 -3.88 27.61
CA ARG B 19 -12.65 -2.76 27.03
C ARG B 19 -12.08 -2.19 25.71
N LEU B 20 -12.86 -2.29 24.65
CA LEU B 20 -12.47 -1.69 23.40
C LEU B 20 -12.98 -0.27 23.33
N SER B 21 -12.25 0.57 22.60
CA SER B 21 -12.56 1.98 22.39
C SER B 21 -12.45 2.31 20.93
N CYS B 22 -13.14 3.37 20.56
CA CYS B 22 -13.24 3.80 19.23
C CYS B 22 -13.51 5.27 19.24
N ALA B 23 -12.49 6.06 18.84
CA ALA B 23 -12.56 7.52 18.78
C ALA B 23 -12.85 7.98 17.37
N ALA B 24 -13.96 8.69 17.16
CA ALA B 24 -14.38 9.11 15.83
C ALA B 24 -13.90 10.54 15.47
N SER B 25 -13.91 10.85 14.17
CA SER B 25 -13.52 12.16 13.65
C SER B 25 -13.93 12.36 12.17
N GLY B 26 -14.14 13.63 11.78
CA GLY B 26 -14.45 14.00 10.40
C GLY B 26 -15.92 13.89 10.09
N PHE B 27 -16.70 13.51 11.09
CA PHE B 27 -18.17 13.44 10.93
C PHE B 27 -18.88 13.75 12.24
N THR B 28 -20.19 13.91 12.18
CA THR B 28 -20.97 14.24 13.37
C THR B 28 -21.38 12.95 14.09
N PHE B 29 -20.48 12.50 14.98
CA PHE B 29 -20.60 11.24 15.73
C PHE B 29 -21.99 11.07 16.39
N SER B 30 -22.36 12.07 17.23
CA SER B 30 -23.71 12.28 17.81
C SER B 30 -24.93 11.93 16.98
N THR B 31 -24.85 12.06 15.65
CA THR B 31 -26.03 11.86 14.79
C THR B 31 -26.07 10.48 14.09
N TYR B 32 -25.14 9.59 14.43
CA TYR B 32 -24.95 8.28 13.78
C TYR B 32 -25.28 7.14 14.77
N GLN B 33 -25.98 6.11 14.31
CA GLN B 33 -26.06 4.82 15.01
C GLN B 33 -24.69 4.11 14.88
N MET B 34 -24.22 3.49 15.95
CA MET B 34 -22.90 2.90 16.01
C MET B 34 -23.02 1.44 16.39
N SER B 35 -22.21 0.59 15.75
CA SER B 35 -22.20 -0.86 15.97
C SER B 35 -20.81 -1.34 16.29
N TRP B 36 -20.73 -2.53 16.88
CA TRP B 36 -19.53 -3.34 16.88
C TRP B 36 -19.82 -4.59 16.06
N VAL B 37 -18.87 -4.97 15.20
CA VAL B 37 -19.00 -6.13 14.33
C VAL B 37 -17.73 -6.88 14.51
N ARG B 38 -17.82 -8.21 14.64
CA ARG B 38 -16.61 -8.99 14.77
C ARG B 38 -16.53 -10.02 13.72
N GLN B 39 -15.32 -10.57 13.58
CA GLN B 39 -15.05 -11.53 12.62
C GLN B 39 -14.01 -12.50 13.18
N ALA B 40 -14.43 -13.74 13.41
CA ALA B 40 -13.53 -14.80 13.89
C ALA B 40 -12.58 -15.15 12.74
N PRO B 41 -11.37 -15.66 13.06
CA PRO B 41 -10.38 -16.09 12.06
C PRO B 41 -11.07 -17.00 11.03
N GLY B 42 -11.00 -16.60 9.77
CA GLY B 42 -11.52 -17.40 8.66
C GLY B 42 -13.03 -17.44 8.66
N LYS B 43 -13.68 -16.73 9.55
CA LYS B 43 -15.12 -16.85 9.57
C LYS B 43 -15.76 -15.56 8.99
N GLY B 44 -17.08 -15.44 9.15
CA GLY B 44 -17.79 -14.34 8.60
C GLY B 44 -17.99 -13.27 9.62
N LEU B 45 -18.61 -12.18 9.15
CA LEU B 45 -19.01 -11.05 9.91
C LEU B 45 -20.19 -11.42 10.82
N GLU B 46 -20.12 -10.89 12.04
CA GLU B 46 -21.09 -11.11 13.05
C GLU B 46 -21.32 -9.77 13.73
N TRP B 47 -22.51 -9.22 13.56
CA TRP B 47 -22.98 -8.08 14.31
C TRP B 47 -23.22 -8.43 15.79
N VAL B 48 -22.87 -7.53 16.71
CA VAL B 48 -22.73 -7.87 18.11
C VAL B 48 -23.43 -6.92 19.07
N SER B 49 -23.40 -5.63 18.79
CA SER B 49 -24.16 -4.67 19.59
C SER B 49 -24.22 -3.35 18.87
N GLY B 50 -25.32 -2.63 19.12
CA GLY B 50 -25.61 -1.35 18.50
C GLY B 50 -26.15 -0.38 19.54
N ILE B 51 -25.95 0.91 19.29
CA ILE B 51 -26.35 1.93 20.22
C ILE B 51 -26.80 3.10 19.36
N VAL B 52 -27.94 3.70 19.71
CA VAL B 52 -28.46 4.74 18.86
C VAL B 52 -27.71 6.04 19.10
N SER B 53 -27.76 6.92 18.10
CA SER B 53 -27.04 8.19 18.15
C SER B 53 -27.21 8.89 19.49
N SER B 54 -28.43 8.78 20.04
CA SER B 54 -28.84 9.56 21.21
C SER B 54 -28.20 9.04 22.47
N GLY B 55 -27.79 7.76 22.44
CA GLY B 55 -27.26 7.07 23.62
C GLY B 55 -28.31 6.28 24.41
N GLY B 56 -27.86 5.47 25.37
CA GLY B 56 -28.79 4.75 26.22
C GLY B 56 -29.50 3.54 25.62
N SER B 57 -30.32 3.77 24.57
CA SER B 57 -30.96 2.69 23.82
C SER B 57 -29.90 1.85 23.06
N THR B 58 -29.91 0.52 23.34
CA THR B 58 -28.87 -0.42 22.90
C THR B 58 -29.47 -1.79 22.54
N ALA B 59 -28.92 -2.43 21.50
CA ALA B 59 -29.29 -3.78 21.08
C ALA B 59 -28.05 -4.69 21.15
N TYR B 60 -28.27 -6.00 21.38
CA TYR B 60 -27.20 -6.98 21.57
C TYR B 60 -27.46 -8.26 20.79
N ALA B 61 -26.44 -8.80 20.13
CA ALA B 61 -26.54 -10.17 19.66
C ALA B 61 -26.72 -11.07 20.89
N ASP B 62 -27.38 -12.21 20.70
CA ASP B 62 -27.68 -13.09 21.83
C ASP B 62 -26.42 -13.76 22.29
N SER B 63 -25.47 -13.89 21.35
CA SER B 63 -24.11 -14.40 21.60
C SER B 63 -23.39 -13.74 22.77
N VAL B 64 -23.75 -12.52 23.12
CA VAL B 64 -22.95 -11.70 24.00
C VAL B 64 -23.76 -11.00 25.09
N LYS B 65 -25.09 -11.19 25.11
CA LYS B 65 -25.93 -10.46 26.09
C LYS B 65 -25.76 -11.00 27.51
N GLY B 66 -25.85 -10.08 28.48
CA GLY B 66 -25.38 -10.26 29.86
C GLY B 66 -23.86 -10.22 30.07
N ARG B 67 -23.08 -10.25 28.97
CA ARG B 67 -21.62 -10.17 29.03
C ARG B 67 -21.02 -8.83 28.50
N PHE B 68 -21.47 -8.35 27.32
CA PHE B 68 -20.96 -7.13 26.70
C PHE B 68 -21.86 -5.92 27.00
N THR B 69 -21.27 -4.73 27.11
CA THR B 69 -22.05 -3.50 27.15
C THR B 69 -21.47 -2.48 26.16
N ILE B 70 -22.31 -2.04 25.23
CA ILE B 70 -21.98 -0.94 24.35
C ILE B 70 -22.37 0.33 25.07
N SER B 71 -21.49 1.34 25.01
CA SER B 71 -21.79 2.69 25.49
C SER B 71 -21.23 3.73 24.55
N ARG B 72 -21.41 5.00 24.91
CA ARG B 72 -20.86 6.12 24.14
C ARG B 72 -20.87 7.36 25.02
N ASP B 73 -20.05 8.36 24.67
CA ASP B 73 -20.40 9.75 24.94
C ASP B 73 -20.08 10.63 23.77
N ASN B 74 -21.06 11.42 23.41
CA ASN B 74 -21.05 12.22 22.21
C ASN B 74 -20.32 13.54 22.33
N SER B 75 -19.66 13.73 23.48
CA SER B 75 -18.88 14.92 23.78
C SER B 75 -17.41 14.60 23.58
N LYS B 76 -17.03 13.37 23.97
CA LYS B 76 -15.70 12.85 23.59
C LYS B 76 -15.69 12.18 22.21
N ASN B 77 -16.83 12.18 21.52
CA ASN B 77 -17.10 11.27 20.37
C ASN B 77 -16.37 9.95 20.42
N THR B 78 -16.75 9.11 21.36
CA THR B 78 -16.08 7.84 21.59
C THR B 78 -17.11 6.75 21.89
N LEU B 79 -16.84 5.57 21.32
CA LEU B 79 -17.70 4.40 21.43
C LEU B 79 -16.92 3.36 22.18
N TYR B 80 -17.60 2.66 23.11
CA TYR B 80 -16.97 1.64 23.91
C TYR B 80 -17.67 0.28 23.79
N LEU B 81 -16.95 -0.78 24.16
CA LEU B 81 -17.48 -2.11 24.29
C LEU B 81 -16.75 -2.73 25.46
N GLN B 82 -17.50 -3.00 26.52
CA GLN B 82 -16.96 -3.65 27.69
C GLN B 82 -17.28 -5.11 27.48
N MET B 83 -16.27 -5.96 27.55
CA MET B 83 -16.48 -7.34 27.29
C MET B 83 -16.12 -8.14 28.54
N ASN B 84 -17.12 -8.70 29.23
CA ASN B 84 -16.80 -9.46 30.42
C ASN B 84 -16.92 -10.96 30.17
N SER B 85 -16.38 -11.77 31.07
CA SER B 85 -16.62 -13.21 30.95
C SER B 85 -16.33 -13.76 29.53
N LEU B 86 -15.20 -13.32 28.96
CA LEU B 86 -14.72 -13.78 27.66
C LEU B 86 -14.43 -15.26 27.66
N ARG B 87 -14.72 -15.87 26.53
CA ARG B 87 -14.55 -17.27 26.26
C ARG B 87 -13.72 -17.29 24.97
N ALA B 88 -13.13 -18.43 24.65
CA ALA B 88 -12.34 -18.66 23.46
C ALA B 88 -13.02 -18.41 22.09
N GLU B 89 -14.34 -18.47 22.08
CA GLU B 89 -15.07 -18.33 20.85
C GLU B 89 -15.33 -16.83 20.64
N ASP B 90 -14.89 -16.00 21.57
CA ASP B 90 -14.97 -14.55 21.41
C ASP B 90 -13.73 -13.99 20.67
N THR B 91 -12.75 -14.86 20.42
CA THR B 91 -11.53 -14.56 19.64
C THR B 91 -11.94 -14.16 18.21
N ALA B 92 -11.63 -12.90 17.88
CA ALA B 92 -12.03 -12.26 16.62
C ALA B 92 -11.30 -10.88 16.43
N VAL B 93 -11.29 -10.36 15.19
CA VAL B 93 -11.14 -8.92 14.96
C VAL B 93 -12.45 -8.24 15.30
N TYR B 94 -12.40 -7.19 16.12
CA TYR B 94 -13.59 -6.37 16.33
C TYR B 94 -13.53 -5.05 15.59
N TYR B 95 -14.64 -4.70 14.94
CA TYR B 95 -14.76 -3.46 14.18
C TYR B 95 -15.83 -2.56 14.75
N CYS B 96 -15.43 -1.32 14.89
CA CYS B 96 -16.22 -0.14 15.04
C CYS B 96 -16.89 0.15 13.67
N ALA B 97 -18.20 0.40 13.62
CA ALA B 97 -18.87 0.74 12.36
C ALA B 97 -20.06 1.64 12.60
N GLY B 98 -20.16 2.76 11.89
CA GLY B 98 -21.35 3.63 12.05
C GLY B 98 -22.27 3.81 10.88
N GLU B 99 -23.50 4.28 11.16
CA GLU B 99 -24.55 4.50 10.12
C GLU B 99 -25.58 5.66 10.38
N LEU B 100 -25.23 6.91 9.98
CA LEU B 100 -26.09 8.14 10.14
C LEU B 100 -27.63 7.90 10.21
N LEU B 101 -28.22 7.47 9.09
CA LEU B 101 -29.63 7.00 9.04
C LEU B 101 -29.66 5.49 9.29
N PRO B 102 -30.46 5.04 10.31
CA PRO B 102 -30.69 3.60 10.58
C PRO B 102 -31.18 2.87 9.32
N TYR B 103 -31.04 1.54 9.27
CA TYR B 103 -31.54 0.80 8.13
C TYR B 103 -30.72 1.02 6.83
N TYR B 104 -29.94 2.09 6.78
CA TYR B 104 -29.16 2.40 5.57
C TYR B 104 -28.10 1.33 5.40
N GLY B 105 -27.40 1.00 6.49
CA GLY B 105 -26.22 0.11 6.45
C GLY B 105 -25.11 0.90 7.09
N MET B 106 -23.89 0.34 7.17
CA MET B 106 -22.71 1.07 7.70
C MET B 106 -21.50 1.30 6.74
N ASP B 107 -21.17 2.58 6.42
CA ASP B 107 -19.89 2.80 5.75
C ASP B 107 -18.97 3.84 6.36
N VAL B 108 -18.91 3.89 7.68
CA VAL B 108 -17.61 4.18 8.33
C VAL B 108 -17.22 2.97 9.13
N TRP B 109 -15.98 2.51 8.93
CA TRP B 109 -15.45 1.34 9.59
C TRP B 109 -14.15 1.67 10.22
N GLY B 110 -13.91 1.23 11.44
CA GLY B 110 -12.62 1.30 12.07
C GLY B 110 -11.82 0.25 11.36
N GLN B 111 -10.55 0.13 11.70
CA GLN B 111 -9.57 -0.71 11.04
C GLN B 111 -9.48 -2.09 11.66
N GLY B 112 -10.16 -2.25 12.80
CA GLY B 112 -10.18 -3.53 13.50
C GLY B 112 -9.20 -3.64 14.63
N THR B 113 -9.63 -4.27 15.73
CA THR B 113 -8.76 -4.65 16.85
C THR B 113 -8.86 -6.15 17.13
N THR B 114 -7.72 -6.81 17.24
CA THR B 114 -7.69 -8.20 17.54
C THR B 114 -7.87 -8.52 19.05
N VAL B 115 -8.86 -9.36 19.36
CA VAL B 115 -9.09 -9.88 20.71
C VAL B 115 -8.74 -11.37 20.68
N THR B 116 -7.78 -11.81 21.48
CA THR B 116 -7.49 -13.27 21.59
C THR B 116 -7.85 -13.82 22.99
N VAL B 117 -8.66 -14.85 23.05
CA VAL B 117 -9.08 -15.38 24.35
C VAL B 117 -8.53 -16.74 24.41
N SER B 118 -7.54 -16.92 25.28
CA SER B 118 -6.83 -18.17 25.28
C SER B 118 -6.27 -18.37 26.67
N SER B 119 -5.94 -19.59 26.97
CA SER B 119 -5.21 -19.78 28.17
C SER B 119 -3.71 -19.96 27.81
N ALA B 120 -3.05 -19.34 26.80
CA ALA B 120 -2.58 -17.88 26.43
C ALA B 120 -1.32 -18.61 26.61
N SER B 121 -0.21 -18.18 27.22
CA SER B 121 0.39 -16.87 27.57
C SER B 121 1.11 -16.25 26.34
N THR B 122 1.33 -14.96 26.35
CA THR B 122 2.06 -14.36 25.29
C THR B 122 3.49 -14.83 25.31
N LYS B 123 4.03 -15.08 24.09
CA LYS B 123 5.46 -15.37 23.86
C LYS B 123 5.97 -14.44 22.74
N GLY B 124 7.03 -13.70 23.00
CA GLY B 124 7.60 -12.75 22.06
C GLY B 124 8.50 -13.53 21.16
N PRO B 125 8.76 -13.03 19.92
CA PRO B 125 9.59 -13.85 18.96
C PRO B 125 11.08 -13.83 19.21
N SER B 126 11.79 -14.89 18.80
CA SER B 126 13.23 -14.80 18.49
C SER B 126 13.42 -14.41 17.05
N VAL B 127 14.26 -13.43 16.78
CA VAL B 127 14.52 -12.96 15.38
C VAL B 127 15.91 -13.40 14.98
N PHE B 128 16.00 -14.06 13.83
CA PHE B 128 17.24 -14.55 13.29
C PHE B 128 17.44 -14.04 11.85
N PRO B 129 18.68 -13.57 11.53
CA PRO B 129 18.94 -12.98 10.20
C PRO B 129 19.09 -14.07 9.16
N LEU B 130 18.45 -13.93 7.98
CA LEU B 130 18.58 -14.93 6.90
C LEU B 130 19.50 -14.35 5.82
N ALA B 131 20.77 -14.70 5.95
CA ALA B 131 21.88 -14.01 5.27
C ALA B 131 21.93 -14.34 3.79
N PRO B 132 22.28 -13.33 2.97
CA PRO B 132 22.41 -13.60 1.53
C PRO B 132 23.52 -14.63 1.29
N SER B 133 23.30 -15.54 0.35
CA SER B 133 24.32 -16.48 -0.14
C SER B 133 25.51 -15.78 -0.87
N SER B 134 26.71 -16.38 -0.77
CA SER B 134 27.85 -16.11 -1.70
C SER B 134 27.89 -17.13 -2.89
N LYS B 135 26.77 -17.84 -3.09
CA LYS B 135 26.57 -18.79 -4.21
C LYS B 135 25.56 -18.25 -5.24
N SER B 136 24.48 -17.64 -4.76
CA SER B 136 23.44 -17.03 -5.63
C SER B 136 23.94 -15.73 -6.27
N THR B 137 24.76 -14.98 -5.52
CA THR B 137 25.25 -13.62 -5.89
C THR B 137 26.38 -13.57 -6.95
N SER B 138 26.48 -14.65 -7.75
CA SER B 138 27.24 -14.63 -9.00
C SER B 138 26.38 -13.89 -10.06
N GLY B 139 25.05 -14.04 -9.91
CA GLY B 139 24.04 -13.30 -10.68
C GLY B 139 23.67 -11.96 -10.03
N GLY B 140 22.80 -11.23 -10.71
CA GLY B 140 22.42 -9.86 -10.33
C GLY B 140 21.76 -9.69 -8.98
N THR B 141 21.10 -10.76 -8.53
CA THR B 141 20.12 -10.67 -7.44
C THR B 141 20.46 -11.45 -6.16
N ALA B 142 20.21 -10.80 -5.02
CA ALA B 142 20.37 -11.37 -3.67
C ALA B 142 19.07 -11.36 -2.83
N ALA B 143 18.68 -12.53 -2.32
CA ALA B 143 17.63 -12.71 -1.32
C ALA B 143 18.18 -12.73 0.13
N LEU B 144 17.74 -11.75 0.91
CA LEU B 144 18.07 -11.69 2.31
C LEU B 144 16.76 -11.57 3.15
N GLY B 145 16.80 -11.96 4.41
CA GLY B 145 15.62 -11.84 5.25
C GLY B 145 15.79 -12.04 6.76
N CYS B 146 14.64 -12.19 7.41
CA CYS B 146 14.50 -12.37 8.86
C CYS B 146 13.56 -13.55 9.17
N LEU B 147 13.99 -14.39 10.10
CA LEU B 147 13.21 -15.47 10.64
C LEU B 147 12.68 -15.06 12.02
N VAL B 148 11.37 -15.11 12.16
CA VAL B 148 10.69 -14.62 13.32
C VAL B 148 10.01 -15.87 13.99
N LYS B 149 10.70 -16.45 14.99
CA LYS B 149 10.37 -17.71 15.60
C LYS B 149 9.56 -17.60 16.88
N ASP B 150 8.60 -18.53 16.99
CA ASP B 150 8.03 -18.95 18.27
C ASP B 150 7.34 -17.84 19.06
N TYR B 151 6.31 -17.20 18.50
CA TYR B 151 5.55 -16.12 19.15
C TYR B 151 4.11 -16.63 19.33
N PHE B 152 3.43 -16.19 20.38
CA PHE B 152 2.01 -16.03 20.36
C PHE B 152 1.42 -14.82 21.01
N PRO B 153 0.24 -14.35 20.55
CA PRO B 153 -0.64 -14.66 19.42
C PRO B 153 0.08 -14.01 18.21
N GLU B 154 -0.29 -14.22 16.96
CA GLU B 154 -0.80 -13.26 15.97
C GLU B 154 -1.36 -11.89 16.30
N PRO B 155 -0.86 -10.82 15.62
CA PRO B 155 0.17 -10.86 14.55
C PRO B 155 1.56 -10.27 14.94
N VAL B 156 2.55 -10.58 14.12
CA VAL B 156 3.83 -9.85 14.05
C VAL B 156 3.80 -8.92 12.78
N THR B 157 4.24 -7.66 12.95
CA THR B 157 4.60 -6.70 11.90
C THR B 157 6.11 -6.76 11.55
N VAL B 158 6.43 -6.93 10.25
CA VAL B 158 7.82 -6.76 9.74
C VAL B 158 7.97 -5.63 8.68
N SER B 159 8.91 -4.72 8.95
CA SER B 159 9.29 -3.71 7.98
C SER B 159 10.81 -3.63 7.85
N TRP B 160 11.30 -2.86 6.89
CA TRP B 160 12.75 -2.88 6.64
C TRP B 160 13.33 -1.48 6.64
N ASN B 161 14.57 -1.36 7.11
CA ASN B 161 15.25 -0.06 7.27
C ASN B 161 14.32 1.01 7.79
N SER B 162 13.68 0.66 8.90
CA SER B 162 12.66 1.44 9.58
C SER B 162 11.48 1.90 8.74
N GLY B 163 11.11 1.12 7.72
CA GLY B 163 9.99 1.52 6.84
C GLY B 163 10.46 2.16 5.53
N ALA B 164 11.74 2.56 5.47
CA ALA B 164 12.26 3.22 4.27
C ALA B 164 12.34 2.27 3.07
N LEU B 165 12.45 0.97 3.34
CA LEU B 165 12.61 -0.06 2.32
C LEU B 165 11.31 -0.77 2.15
N THR B 166 10.95 -0.93 0.88
CA THR B 166 9.59 -1.25 0.54
C THR B 166 9.58 -2.17 -0.66
N SER B 167 10.44 -1.90 -1.62
CA SER B 167 10.47 -2.62 -2.89
C SER B 167 11.20 -3.96 -2.75
N GLY B 168 10.52 -5.02 -3.16
CA GLY B 168 11.12 -6.33 -3.15
C GLY B 168 10.99 -7.04 -1.79
N VAL B 169 10.10 -6.56 -0.92
CA VAL B 169 9.87 -7.07 0.44
C VAL B 169 8.65 -7.96 0.36
N HIS B 170 8.80 -9.22 0.74
CA HIS B 170 7.68 -10.15 0.89
C HIS B 170 7.75 -10.76 2.32
N THR B 171 6.80 -10.39 3.17
CA THR B 171 6.57 -11.05 4.45
C THR B 171 5.49 -12.15 4.31
N PHE B 172 5.89 -13.37 4.57
CA PHE B 172 5.05 -14.53 4.37
C PHE B 172 4.12 -14.80 5.56
N PRO B 173 2.94 -15.41 5.29
CA PRO B 173 2.04 -15.89 6.38
C PRO B 173 2.74 -16.85 7.32
N ALA B 174 2.44 -16.70 8.59
CA ALA B 174 2.98 -17.53 9.67
C ALA B 174 2.60 -18.97 9.54
N VAL B 175 3.47 -19.87 10.02
CA VAL B 175 3.17 -21.28 10.27
C VAL B 175 2.78 -21.50 11.74
N LEU B 176 1.68 -22.20 11.96
CA LEU B 176 1.30 -22.63 13.29
C LEU B 176 1.96 -23.94 13.61
N GLN B 177 2.86 -23.94 14.59
CA GLN B 177 3.57 -25.13 14.91
C GLN B 177 2.72 -26.02 15.83
N SER B 178 3.12 -27.30 15.87
CA SER B 178 2.62 -28.36 16.77
C SER B 178 2.54 -27.83 18.21
N SER B 179 3.62 -27.13 18.59
CA SER B 179 3.71 -26.43 19.85
C SER B 179 2.61 -25.41 20.11
N GLY B 180 1.84 -25.02 19.09
CA GLY B 180 0.93 -23.84 19.23
C GLY B 180 1.55 -22.44 19.18
N LEU B 181 2.88 -22.37 18.99
CA LEU B 181 3.56 -21.08 18.61
C LEU B 181 3.62 -20.88 17.08
N TYR B 182 3.60 -19.62 16.67
CA TYR B 182 3.78 -19.22 15.28
C TYR B 182 5.22 -18.86 14.99
N SER B 183 5.63 -19.06 13.73
CA SER B 183 6.83 -18.46 13.14
C SER B 183 6.52 -17.92 11.73
N LEU B 184 7.13 -16.80 11.37
CA LEU B 184 7.14 -16.30 9.97
C LEU B 184 8.57 -15.88 9.46
N SER B 185 8.69 -15.63 8.16
CA SER B 185 9.92 -15.02 7.58
C SER B 185 9.58 -13.84 6.69
N SER B 186 10.32 -12.77 6.82
CA SER B 186 10.33 -11.70 5.84
C SER B 186 11.61 -11.85 4.97
N VAL B 187 11.43 -11.67 3.66
CA VAL B 187 12.54 -11.60 2.70
C VAL B 187 12.51 -10.35 1.83
N VAL B 188 13.68 -9.72 1.69
CA VAL B 188 13.84 -8.71 0.68
C VAL B 188 14.79 -9.20 -0.42
N THR B 189 14.40 -9.05 -1.68
CA THR B 189 15.40 -9.26 -2.74
C THR B 189 16.00 -7.95 -3.23
N VAL B 190 17.33 -7.96 -3.35
CA VAL B 190 18.10 -6.73 -3.52
C VAL B 190 19.19 -6.96 -4.60
N PRO B 191 19.66 -5.87 -5.25
CA PRO B 191 20.81 -6.09 -6.17
C PRO B 191 21.99 -6.62 -5.35
N SER B 192 22.54 -7.77 -5.72
CA SER B 192 23.76 -8.24 -5.08
C SER B 192 24.81 -7.13 -4.94
N SER B 193 24.99 -6.29 -5.98
CA SER B 193 25.99 -5.18 -5.98
C SER B 193 25.85 -4.23 -4.82
N SER B 194 24.63 -4.12 -4.27
CA SER B 194 24.35 -3.30 -3.07
C SER B 194 24.86 -3.91 -1.73
N LEU B 195 25.26 -5.17 -1.75
CA LEU B 195 25.58 -5.88 -0.50
C LEU B 195 26.80 -5.33 0.30
N GLY B 196 27.77 -4.70 -0.38
CA GLY B 196 28.89 -4.08 0.36
C GLY B 196 28.55 -2.74 1.00
N THR B 197 27.67 -2.00 0.35
CA THR B 197 27.48 -0.59 0.67
C THR B 197 26.19 -0.33 1.44
N GLN B 198 25.19 -1.15 1.19
CA GLN B 198 23.86 -0.99 1.75
C GLN B 198 23.57 -1.83 3.04
N THR B 199 23.08 -1.11 4.06
CA THR B 199 22.57 -1.72 5.29
C THR B 199 21.12 -2.16 5.17
N TYR B 200 20.87 -3.42 5.57
CA TYR B 200 19.50 -3.97 5.65
C TYR B 200 19.14 -4.39 7.05
N ILE B 201 18.25 -3.63 7.66
CA ILE B 201 17.71 -3.96 8.99
C ILE B 201 16.20 -4.34 8.95
N CYS B 202 15.84 -5.49 9.53
CA CYS B 202 14.43 -5.88 9.65
C CYS B 202 13.88 -5.46 11.01
N ASN B 203 12.73 -4.78 11.00
CA ASN B 203 12.18 -4.24 12.20
C ASN B 203 10.94 -5.05 12.43
N VAL B 204 11.04 -5.82 13.52
CA VAL B 204 10.06 -6.80 13.89
C VAL B 204 9.32 -6.27 15.07
N ASN B 205 8.01 -6.24 14.93
CA ASN B 205 7.11 -5.69 15.91
C ASN B 205 5.99 -6.72 16.27
N HIS B 206 5.93 -7.09 17.56
CA HIS B 206 4.88 -7.92 18.14
C HIS B 206 4.33 -7.19 19.37
N LYS B 207 3.21 -6.50 19.20
CA LYS B 207 2.52 -5.73 20.26
C LYS B 207 2.19 -6.52 21.54
N PRO B 208 1.60 -7.74 21.41
CA PRO B 208 1.15 -8.47 22.60
C PRO B 208 2.21 -8.68 23.69
N SER B 209 3.46 -8.88 23.26
CA SER B 209 4.59 -9.09 24.17
C SER B 209 5.44 -7.84 24.30
N ASN B 210 4.93 -6.71 23.82
CA ASN B 210 5.68 -5.43 23.70
C ASN B 210 7.07 -5.54 23.09
N THR B 211 7.24 -6.46 22.15
CA THR B 211 8.52 -6.72 21.52
C THR B 211 8.76 -5.88 20.23
N LYS B 212 9.85 -5.10 20.20
CA LYS B 212 10.35 -4.38 19.00
C LYS B 212 11.82 -4.68 18.83
N VAL B 213 12.14 -5.50 17.86
CA VAL B 213 13.51 -5.94 17.60
C VAL B 213 13.88 -5.30 16.27
N ASP B 214 15.16 -4.91 16.17
CA ASP B 214 15.77 -4.50 14.91
C ASP B 214 16.94 -5.43 14.76
N LYS B 215 17.02 -6.07 13.63
CA LYS B 215 18.04 -7.05 13.43
C LYS B 215 18.72 -6.78 12.06
N LYS B 216 20.06 -6.64 12.11
CA LYS B 216 20.87 -6.27 10.96
C LYS B 216 21.12 -7.56 10.25
N VAL B 217 20.80 -7.56 8.96
CA VAL B 217 21.11 -8.71 8.10
C VAL B 217 22.37 -8.44 7.25
N GLU B 218 23.39 -9.24 7.52
CA GLU B 218 24.70 -9.06 6.93
C GLU B 218 25.11 -10.31 6.17
N PRO B 219 25.89 -10.14 5.07
CA PRO B 219 26.48 -11.35 4.51
C PRO B 219 27.47 -11.97 5.51
N LYS B 220 27.39 -13.30 5.61
CA LYS B 220 28.18 -14.15 6.50
C LYS B 220 29.49 -14.58 5.78
N GLN C 1 13.68 12.98 -33.58
CA GLN C 1 13.30 11.85 -34.48
C GLN C 1 11.83 11.99 -34.95
N SER C 2 10.96 12.35 -33.99
CA SER C 2 9.51 12.78 -34.16
C SER C 2 8.54 12.09 -33.17
N GLU C 3 7.31 12.62 -33.06
CA GLU C 3 6.63 12.82 -31.76
C GLU C 3 5.40 12.01 -31.23
N LEU C 4 4.54 11.50 -32.10
CA LEU C 4 3.34 10.77 -31.65
C LEU C 4 2.41 11.59 -30.75
N THR C 5 1.50 12.31 -31.39
CA THR C 5 0.74 13.39 -30.78
C THR C 5 -0.59 12.90 -30.23
N GLN C 6 -0.78 13.17 -28.95
CA GLN C 6 -1.97 12.84 -28.22
C GLN C 6 -2.62 14.13 -27.72
N PRO C 7 -3.92 14.10 -27.48
CA PRO C 7 -4.55 15.21 -26.76
C PRO C 7 -3.95 15.30 -25.35
N ARG C 8 -3.77 16.51 -24.82
CA ARG C 8 -3.19 16.69 -23.50
C ARG C 8 -4.05 16.13 -22.42
N SER C 9 -5.34 16.29 -22.56
CA SER C 9 -6.21 15.79 -21.55
C SER C 9 -7.58 15.46 -22.11
N VAL C 10 -8.27 14.52 -21.48
CA VAL C 10 -9.67 14.28 -21.80
C VAL C 10 -10.30 13.88 -20.52
N SER C 11 -11.52 14.31 -20.33
CA SER C 11 -12.28 13.96 -19.15
C SER C 11 -13.56 13.20 -19.53
N GLY C 12 -13.97 12.31 -18.61
CA GLY C 12 -15.27 11.70 -18.74
C GLY C 12 -15.98 11.54 -17.46
N SER C 13 -17.29 11.37 -17.59
CA SER C 13 -18.12 10.98 -16.49
C SER C 13 -18.13 9.46 -16.29
N PRO C 14 -18.45 9.00 -15.06
CA PRO C 14 -18.50 7.57 -14.76
C PRO C 14 -19.44 6.83 -15.64
N GLY C 15 -18.96 5.70 -16.15
CA GLY C 15 -19.78 4.87 -17.01
C GLY C 15 -19.77 5.23 -18.46
N GLN C 16 -19.09 6.30 -18.84
CA GLN C 16 -19.00 6.76 -20.22
C GLN C 16 -17.78 6.15 -20.91
N SER C 17 -17.60 6.41 -22.22
CA SER C 17 -16.39 6.05 -22.95
C SER C 17 -15.62 7.27 -23.40
N VAL C 18 -14.32 7.15 -23.38
CA VAL C 18 -13.46 8.15 -23.95
C VAL C 18 -12.50 7.46 -24.90
N THR C 19 -12.08 8.16 -25.96
CA THR C 19 -11.12 7.67 -26.89
C THR C 19 -9.91 8.60 -26.88
N ILE C 20 -8.71 8.01 -26.91
CA ILE C 20 -7.50 8.79 -26.96
C ILE C 20 -6.75 8.46 -28.22
N SER C 21 -6.57 9.48 -29.07
CA SER C 21 -5.85 9.32 -30.32
C SER C 21 -4.35 9.57 -30.22
N CYS C 22 -3.61 9.09 -31.20
CA CYS C 22 -2.17 9.06 -31.17
C CYS C 22 -1.75 9.13 -32.62
N THR C 23 -1.27 10.29 -33.03
CA THR C 23 -0.97 10.53 -34.45
C THR C 23 0.50 10.61 -34.71
N GLY C 24 1.00 9.69 -35.51
CA GLY C 24 2.40 9.70 -35.85
C GLY C 24 2.56 9.90 -37.33
N THR C 25 3.53 9.16 -37.87
CA THR C 25 3.89 9.14 -39.28
C THR C 25 3.80 7.73 -39.88
N SER C 26 3.78 7.67 -41.22
CA SER C 26 3.96 6.42 -41.96
C SER C 26 5.19 5.62 -41.47
N ARG C 27 6.17 6.27 -40.81
CA ARG C 27 7.37 5.61 -40.20
C ARG C 27 7.21 4.95 -38.82
N ASP C 28 6.08 5.19 -38.14
CA ASP C 28 5.82 4.63 -36.81
C ASP C 28 4.43 4.04 -36.69
N VAL C 29 3.45 4.80 -36.20
CA VAL C 29 2.09 4.27 -36.11
C VAL C 29 1.57 3.72 -37.47
N GLY C 30 2.02 4.30 -38.57
CA GLY C 30 1.78 3.77 -39.92
C GLY C 30 2.96 2.97 -40.48
N GLY C 31 4.02 2.80 -39.69
CA GLY C 31 5.26 2.16 -40.14
C GLY C 31 5.44 0.75 -39.62
N TYR C 32 4.44 0.22 -38.89
CA TYR C 32 4.42 -1.15 -38.31
C TYR C 32 3.10 -1.34 -37.56
N ASN C 33 2.81 -2.56 -37.11
CA ASN C 33 1.73 -2.73 -36.14
C ASN C 33 2.26 -2.92 -34.72
N TYR C 34 3.24 -2.11 -34.36
CA TYR C 34 3.90 -2.23 -33.07
C TYR C 34 3.58 -0.98 -32.26
N VAL C 35 2.29 -0.85 -31.95
CA VAL C 35 1.73 0.19 -31.14
C VAL C 35 1.28 -0.38 -29.79
N SER C 36 1.81 0.19 -28.70
CA SER C 36 1.41 -0.18 -27.38
C SER C 36 0.78 1.00 -26.68
N TRP C 37 0.01 0.72 -25.64
CA TRP C 37 -0.50 1.73 -24.76
C TRP C 37 -0.10 1.47 -23.34
N TYR C 38 0.20 2.55 -22.62
CA TYR C 38 0.69 2.43 -21.26
C TYR C 38 -0.21 3.24 -20.40
N GLN C 39 -0.49 2.71 -19.20
CA GLN C 39 -1.24 3.42 -18.23
C GLN C 39 -0.22 3.70 -17.06
N GLN C 40 -0.33 4.86 -16.42
CA GLN C 40 0.59 5.21 -15.36
C GLN C 40 -0.10 6.05 -14.32
N HIS C 41 -0.13 5.54 -13.11
CA HIS C 41 -0.62 6.31 -12.00
C HIS C 41 0.53 7.13 -11.39
N PRO C 42 0.21 8.26 -10.73
CA PRO C 42 1.23 9.07 -10.02
C PRO C 42 2.11 8.21 -9.13
N GLY C 43 3.42 8.28 -9.38
CA GLY C 43 4.46 7.70 -8.51
C GLY C 43 4.81 6.25 -8.76
N LYS C 44 4.24 5.67 -9.82
CA LYS C 44 4.37 4.27 -10.12
C LYS C 44 4.90 4.25 -11.51
N ALA C 45 5.51 3.12 -11.86
CA ALA C 45 5.94 2.85 -13.20
C ALA C 45 4.78 2.63 -14.21
N PRO C 46 5.04 2.97 -15.48
CA PRO C 46 3.98 2.68 -16.47
C PRO C 46 3.62 1.18 -16.50
N LYS C 47 2.33 0.86 -16.67
CA LYS C 47 1.87 -0.49 -16.94
C LYS C 47 1.44 -0.70 -18.44
N LEU C 48 2.00 -1.69 -19.10
CA LEU C 48 1.63 -2.00 -20.47
C LEU C 48 0.20 -2.54 -20.54
N ILE C 49 -0.74 -1.79 -21.14
CA ILE C 49 -2.13 -2.31 -21.28
C ILE C 49 -2.55 -2.89 -22.64
N ILE C 50 -2.04 -2.38 -23.76
CA ILE C 50 -2.36 -2.87 -25.12
C ILE C 50 -1.00 -2.99 -25.79
N HIS C 51 -0.78 -4.08 -26.54
CA HIS C 51 0.37 -4.26 -27.39
C HIS C 51 -0.11 -4.70 -28.76
N ASP C 52 0.70 -4.53 -29.81
CA ASP C 52 0.32 -4.94 -31.17
C ASP C 52 -1.03 -4.32 -31.58
N VAL C 53 -1.18 -3.03 -31.26
CA VAL C 53 -2.37 -2.26 -31.63
C VAL C 53 -3.64 -2.61 -30.87
N ILE C 54 -3.97 -3.91 -30.81
CA ILE C 54 -5.30 -4.34 -30.42
C ILE C 54 -5.33 -5.33 -29.29
N GLU C 55 -4.18 -5.82 -28.80
CA GLU C 55 -4.22 -6.93 -27.81
C GLU C 55 -4.10 -6.50 -26.39
N ARG C 56 -5.06 -6.84 -25.56
CA ARG C 56 -4.92 -6.58 -24.11
C ARG C 56 -3.84 -7.48 -23.46
N SER C 57 -3.01 -6.87 -22.63
CA SER C 57 -2.20 -7.55 -21.65
C SER C 57 -3.06 -8.34 -20.66
N SER C 58 -2.46 -9.35 -20.05
CA SER C 58 -3.12 -10.16 -19.04
C SER C 58 -3.69 -9.30 -17.97
N GLY C 59 -4.85 -9.70 -17.48
CA GLY C 59 -5.49 -8.96 -16.44
C GLY C 59 -6.14 -7.64 -16.86
N VAL C 60 -5.98 -7.19 -18.12
CA VAL C 60 -6.61 -5.90 -18.51
C VAL C 60 -8.00 -6.18 -19.07
N PRO C 61 -9.03 -5.58 -18.46
CA PRO C 61 -10.39 -5.89 -18.92
C PRO C 61 -10.64 -5.44 -20.34
N ASP C 62 -11.76 -5.91 -20.89
CA ASP C 62 -12.08 -5.65 -22.28
C ASP C 62 -12.75 -4.30 -22.44
N ARG C 63 -12.98 -3.61 -21.32
CA ARG C 63 -13.33 -2.19 -21.24
C ARG C 63 -12.26 -1.34 -21.99
N PHE C 64 -11.03 -1.83 -22.09
CA PHE C 64 -9.90 -1.22 -22.85
C PHE C 64 -9.75 -1.89 -24.17
N SER C 65 -9.73 -1.09 -25.23
CA SER C 65 -9.43 -1.58 -26.55
C SER C 65 -8.60 -0.63 -27.40
N GLY C 66 -7.83 -1.19 -28.32
CA GLY C 66 -7.03 -0.40 -29.20
C GLY C 66 -7.47 -0.56 -30.65
N SER C 67 -7.12 0.40 -31.48
CA SER C 67 -7.44 0.38 -32.88
C SER C 67 -6.43 1.26 -33.58
N LYS C 68 -6.60 1.36 -34.89
CA LYS C 68 -5.71 2.09 -35.74
C LYS C 68 -6.37 2.34 -37.12
N SER C 69 -5.98 3.44 -37.76
CA SER C 69 -6.57 3.89 -39.04
C SER C 69 -5.57 4.85 -39.63
N GLY C 70 -4.78 4.33 -40.58
CA GLY C 70 -3.72 5.10 -41.18
C GLY C 70 -2.63 5.38 -40.19
N ASN C 71 -2.38 6.65 -39.88
CA ASN C 71 -1.26 7.05 -39.03
C ASN C 71 -1.66 7.37 -37.59
N THR C 72 -2.92 7.14 -37.27
CA THR C 72 -3.47 7.41 -35.96
C THR C 72 -3.92 6.16 -35.21
N ALA C 73 -3.29 5.90 -34.05
CA ALA C 73 -3.78 4.82 -33.16
C ALA C 73 -4.74 5.40 -32.18
N SER C 74 -5.70 4.59 -31.70
CA SER C 74 -6.63 4.97 -30.66
C SER C 74 -6.76 3.96 -29.57
N LEU C 75 -6.88 4.46 -28.35
CA LEU C 75 -7.26 3.68 -27.19
C LEU C 75 -8.63 4.15 -26.82
N THR C 76 -9.58 3.22 -26.64
CA THR C 76 -10.90 3.52 -26.10
C THR C 76 -11.06 2.80 -24.78
N ILE C 77 -11.58 3.54 -23.82
CA ILE C 77 -11.95 3.05 -22.51
C ILE C 77 -13.44 3.20 -22.28
N SER C 78 -14.14 2.09 -22.08
CA SER C 78 -15.56 2.16 -21.88
C SER C 78 -15.92 1.81 -20.45
N GLY C 79 -17.12 2.13 -20.04
CA GLY C 79 -17.53 1.93 -18.63
C GLY C 79 -16.56 2.59 -17.62
N LEU C 80 -15.97 3.73 -17.99
CA LEU C 80 -14.99 4.50 -17.20
C LEU C 80 -15.27 4.48 -15.70
N GLN C 81 -14.25 4.10 -14.92
CA GLN C 81 -14.37 3.86 -13.49
C GLN C 81 -13.31 4.79 -12.86
N ALA C 82 -13.52 5.24 -11.63
CA ALA C 82 -12.52 6.10 -10.90
C ALA C 82 -11.08 5.69 -11.10
N GLU C 83 -10.85 4.39 -11.16
CA GLU C 83 -9.52 3.79 -11.20
C GLU C 83 -8.78 3.99 -12.53
N ASP C 84 -9.57 4.30 -13.56
CA ASP C 84 -9.02 4.55 -14.89
C ASP C 84 -8.33 5.95 -14.98
N GLU C 85 -8.53 6.78 -13.98
CA GLU C 85 -7.94 8.12 -13.89
C GLU C 85 -6.41 8.03 -13.79
N ALA C 86 -5.72 8.59 -14.79
CA ALA C 86 -4.32 8.24 -14.99
C ALA C 86 -3.81 8.89 -16.26
N ASP C 87 -2.51 8.77 -16.52
CA ASP C 87 -1.89 9.19 -17.78
C ASP C 87 -1.65 7.97 -18.70
N TYR C 88 -1.84 8.21 -19.99
CA TYR C 88 -1.78 7.15 -20.97
C TYR C 88 -0.88 7.69 -22.04
N TYR C 89 0.02 6.79 -22.49
CA TYR C 89 1.05 7.00 -23.45
C TYR C 89 0.95 5.92 -24.50
N CYS C 90 0.97 6.29 -25.78
CA CYS C 90 1.16 5.32 -26.82
C CYS C 90 2.63 5.19 -27.01
N TRP C 91 3.01 4.27 -27.86
CA TRP C 91 4.38 3.91 -28.07
C TRP C 91 4.32 3.16 -29.38
N SER C 92 5.40 3.31 -30.15
CA SER C 92 5.62 2.60 -31.39
C SER C 92 7.11 2.39 -31.57
N PHE C 93 7.43 1.27 -32.20
CA PHE C 93 8.70 1.09 -32.88
C PHE C 93 8.72 2.10 -34.00
N ALA C 94 9.93 2.58 -34.29
CA ALA C 94 10.15 3.61 -35.28
C ALA C 94 11.50 3.32 -35.96
N GLY C 95 11.76 2.03 -36.21
CA GLY C 95 12.82 1.57 -37.14
C GLY C 95 14.18 1.49 -36.50
N SER C 96 14.69 2.64 -36.09
CA SER C 96 15.98 2.65 -35.44
C SER C 96 15.91 3.26 -34.05
N TYR C 97 14.68 3.35 -33.50
CA TYR C 97 14.45 3.84 -32.13
C TYR C 97 13.00 3.55 -31.74
N TYR C 98 12.71 3.80 -30.47
CA TYR C 98 11.35 3.73 -29.96
C TYR C 98 10.92 5.07 -29.50
N VAL C 99 9.62 5.30 -29.49
CA VAL C 99 9.09 6.56 -29.08
C VAL C 99 7.79 6.42 -28.33
N PHE C 100 7.72 7.11 -27.19
CA PHE C 100 6.48 7.37 -26.52
C PHE C 100 5.74 8.57 -27.04
N GLY C 101 4.41 8.47 -27.02
CA GLY C 101 3.63 9.59 -27.30
C GLY C 101 3.74 10.59 -26.19
N THR C 102 3.04 11.72 -26.41
CA THR C 102 3.18 12.93 -25.62
C THR C 102 2.37 12.85 -24.32
N GLY C 103 1.44 11.87 -24.23
CA GLY C 103 0.72 11.62 -23.01
C GLY C 103 -0.59 12.35 -22.91
N THR C 104 -1.58 11.64 -22.34
CA THR C 104 -2.93 12.20 -22.14
C THR C 104 -3.28 11.99 -20.70
N ASP C 105 -3.68 13.07 -20.03
CA ASP C 105 -4.14 12.97 -18.66
C ASP C 105 -5.67 12.79 -18.69
N VAL C 106 -6.11 11.63 -18.19
CA VAL C 106 -7.53 11.28 -18.23
C VAL C 106 -8.10 11.49 -16.86
N THR C 107 -9.13 12.32 -16.76
CA THR C 107 -9.76 12.63 -15.49
C THR C 107 -11.13 12.01 -15.55
N VAL C 108 -11.52 11.39 -14.45
CA VAL C 108 -12.83 10.85 -14.32
C VAL C 108 -13.60 11.70 -13.33
N LEU C 109 -14.73 12.26 -13.78
CA LEU C 109 -15.48 13.23 -13.02
C LEU C 109 -16.59 12.56 -12.21
N GLY C 110 -17.66 13.27 -11.90
CA GLY C 110 -18.53 12.81 -10.82
C GLY C 110 -17.81 13.03 -9.50
N GLN C 111 -17.70 12.04 -8.64
CA GLN C 111 -16.99 12.24 -7.36
C GLN C 111 -17.50 13.47 -6.53
N PRO C 112 -17.92 13.19 -5.28
CA PRO C 112 -18.66 14.20 -4.56
C PRO C 112 -17.78 15.37 -4.09
N LYS C 113 -18.44 16.50 -3.86
CA LYS C 113 -17.87 17.58 -3.03
C LYS C 113 -17.36 16.98 -1.72
N ALA C 114 -16.11 17.33 -1.39
CA ALA C 114 -15.59 17.10 -0.08
C ALA C 114 -15.06 18.44 0.37
N ASN C 115 -15.38 18.84 1.60
CA ASN C 115 -14.72 20.03 2.18
C ASN C 115 -13.47 19.63 2.90
N PRO C 116 -12.46 20.52 2.89
CA PRO C 116 -11.17 20.17 3.50
C PRO C 116 -11.19 19.92 5.02
N THR C 117 -10.36 18.99 5.46
CA THR C 117 -9.99 19.00 6.83
C THR C 117 -8.72 19.81 7.00
N VAL C 118 -8.80 20.81 7.87
CA VAL C 118 -7.70 21.70 8.19
C VAL C 118 -7.12 21.39 9.56
N THR C 119 -5.80 21.19 9.58
CA THR C 119 -5.03 20.99 10.80
C THR C 119 -3.87 22.05 10.89
N LEU C 120 -3.89 22.87 11.96
CA LEU C 120 -2.90 23.92 12.13
C LEU C 120 -1.96 23.67 13.31
N PHE C 121 -0.67 23.57 13.04
CA PHE C 121 0.29 23.54 14.12
C PHE C 121 1.04 24.86 14.32
N PRO C 122 1.27 25.19 15.60
CA PRO C 122 2.12 26.33 15.90
C PRO C 122 3.58 25.84 15.92
N PRO C 123 4.57 26.77 16.01
CA PRO C 123 5.98 26.38 16.10
C PRO C 123 6.21 25.49 17.28
N SER C 124 7.14 24.56 17.15
CA SER C 124 7.50 23.70 18.24
C SER C 124 8.54 24.40 19.09
N SER C 125 8.78 23.82 20.28
CA SER C 125 9.86 24.23 21.20
C SER C 125 11.24 24.13 20.58
N GLU C 126 11.58 22.96 20.01
CA GLU C 126 12.86 22.75 19.26
C GLU C 126 13.09 23.82 18.18
N GLU C 127 12.03 24.38 17.59
CA GLU C 127 12.19 25.30 16.46
C GLU C 127 12.47 26.71 16.95
N LEU C 128 11.73 27.11 17.96
CA LEU C 128 11.90 28.39 18.64
C LEU C 128 13.31 28.57 19.26
N GLN C 129 13.79 27.55 19.96
CA GLN C 129 15.16 27.51 20.47
C GLN C 129 16.21 27.62 19.36
N ALA C 130 15.78 27.34 18.14
CA ALA C 130 16.61 27.38 16.95
C ALA C 130 16.50 28.76 16.30
N ASN C 131 15.79 29.66 16.96
CA ASN C 131 15.50 31.01 16.48
C ASN C 131 14.73 31.07 15.13
N LYS C 132 13.92 30.04 14.86
CA LYS C 132 12.97 30.02 13.74
C LYS C 132 11.58 29.68 14.28
N ALA C 133 10.53 29.92 13.50
CA ALA C 133 9.15 29.61 13.91
C ALA C 133 8.26 29.40 12.68
N THR C 134 7.69 28.20 12.54
CA THR C 134 6.88 27.84 11.35
C THR C 134 5.50 27.40 11.80
N LEU C 135 4.50 28.08 11.28
CA LEU C 135 3.10 27.69 11.41
C LEU C 135 2.72 26.84 10.20
N VAL C 136 2.21 25.63 10.45
CA VAL C 136 1.90 24.67 9.40
C VAL C 136 0.40 24.42 9.30
N CYS C 137 -0.18 24.84 8.18
CA CYS C 137 -1.61 24.63 7.87
C CYS C 137 -1.77 23.56 6.80
N LEU C 138 -2.22 22.39 7.23
CA LEU C 138 -2.37 21.21 6.41
C LEU C 138 -3.83 21.08 6.05
N ILE C 139 -4.10 20.94 4.76
CA ILE C 139 -5.44 20.96 4.21
C ILE C 139 -5.65 19.70 3.43
N SER C 140 -6.64 18.88 3.80
CA SER C 140 -6.78 17.61 3.14
C SER C 140 -8.23 17.24 2.81
N ASP C 141 -8.36 16.14 2.05
CA ASP C 141 -9.61 15.54 1.65
C ASP C 141 -10.62 16.50 1.11
N PHE C 142 -10.19 17.34 0.18
CA PHE C 142 -11.11 18.22 -0.50
C PHE C 142 -11.30 17.89 -1.97
N TYR C 143 -12.50 18.21 -2.44
CA TYR C 143 -12.83 18.09 -3.82
C TYR C 143 -13.88 19.13 -4.16
N PRO C 144 -13.64 19.95 -5.21
CA PRO C 144 -12.50 19.91 -6.17
C PRO C 144 -11.18 20.44 -5.62
N GLY C 145 -10.12 20.24 -6.40
CA GLY C 145 -8.73 20.62 -6.06
C GLY C 145 -8.36 22.06 -6.30
N ALA C 146 -8.99 22.96 -5.55
CA ALA C 146 -8.68 24.38 -5.48
C ALA C 146 -9.09 24.89 -4.10
N VAL C 147 -8.23 25.64 -3.44
CA VAL C 147 -8.54 26.27 -2.15
C VAL C 147 -7.87 27.60 -2.13
N THR C 148 -8.37 28.52 -1.30
CA THR C 148 -7.63 29.74 -0.96
C THR C 148 -7.24 29.79 0.53
N VAL C 149 -5.98 30.15 0.77
CA VAL C 149 -5.48 30.29 2.13
C VAL C 149 -5.20 31.75 2.48
N ALA C 150 -5.83 32.22 3.57
CA ALA C 150 -5.49 33.50 4.18
C ALA C 150 -5.02 33.25 5.61
N TRP C 151 -3.94 33.94 5.97
CA TRP C 151 -3.39 33.93 7.34
C TRP C 151 -3.79 35.20 8.12
N LYS C 152 -3.87 35.12 9.45
CA LYS C 152 -4.20 36.25 10.30
C LYS C 152 -3.32 36.30 11.55
N ALA C 153 -3.16 37.51 12.08
CA ALA C 153 -2.43 37.77 13.32
C ALA C 153 -3.30 38.74 14.11
N ASP C 154 -3.69 38.33 15.32
CA ASP C 154 -4.81 38.97 16.01
C ASP C 154 -5.96 39.02 15.00
N GLY C 155 -6.55 40.18 14.77
CA GLY C 155 -7.45 40.33 13.61
C GLY C 155 -6.58 40.31 12.37
N SER C 156 -6.49 41.46 11.71
CA SER C 156 -5.45 41.80 10.71
C SER C 156 -4.70 40.64 10.01
N PRO C 157 -4.80 40.58 8.66
CA PRO C 157 -4.05 39.69 7.77
C PRO C 157 -2.53 39.76 7.90
N VAL C 158 -1.88 38.64 7.57
CA VAL C 158 -0.46 38.61 7.32
C VAL C 158 -0.26 38.03 5.92
N LYS C 159 0.74 38.55 5.21
CA LYS C 159 0.96 38.19 3.81
C LYS C 159 2.45 37.87 3.53
N ALA C 160 3.33 38.47 4.35
CA ALA C 160 4.77 38.19 4.32
C ALA C 160 5.02 36.81 4.90
N GLY C 161 6.02 36.11 4.33
CA GLY C 161 6.43 34.76 4.76
C GLY C 161 5.54 33.53 4.50
N VAL C 162 4.50 33.67 3.67
CA VAL C 162 3.62 32.57 3.31
C VAL C 162 4.14 31.77 2.12
N GLU C 163 4.07 30.44 2.22
CA GLU C 163 4.34 29.52 1.09
C GLU C 163 3.31 28.41 1.12
N THR C 164 2.57 28.29 0.01
CA THR C 164 1.46 27.33 -0.15
C THR C 164 1.68 26.42 -1.37
N THR C 165 1.51 25.13 -1.19
CA THR C 165 1.62 24.21 -2.28
C THR C 165 0.39 24.30 -3.21
N LYS C 166 0.49 23.68 -4.39
CA LYS C 166 -0.63 23.56 -5.31
C LYS C 166 -1.41 22.38 -4.78
N PRO C 167 -2.74 22.34 -4.98
CA PRO C 167 -3.39 21.07 -4.59
C PRO C 167 -2.89 19.86 -5.39
N SER C 168 -2.58 18.77 -4.70
CA SER C 168 -2.27 17.50 -5.30
C SER C 168 -3.23 16.48 -4.73
N LYS C 169 -3.32 15.36 -5.43
CA LYS C 169 -4.33 14.39 -5.26
C LYS C 169 -3.82 13.27 -4.38
N GLN C 170 -4.54 12.94 -3.31
CA GLN C 170 -4.01 11.94 -2.40
C GLN C 170 -4.40 10.58 -2.94
N SER C 171 -4.08 9.49 -2.25
CA SER C 171 -4.45 8.20 -2.83
C SER C 171 -5.62 8.42 -3.81
N ASN C 172 -6.74 8.90 -3.24
CA ASN C 172 -8.11 8.70 -3.73
C ASN C 172 -8.66 9.80 -4.59
N ASN C 173 -7.79 10.47 -5.33
CA ASN C 173 -8.28 11.53 -6.24
C ASN C 173 -9.06 12.64 -5.48
N LYS C 174 -9.24 12.44 -4.15
CA LYS C 174 -9.36 13.58 -3.21
C LYS C 174 -8.04 14.29 -2.93
N TYR C 175 -8.07 15.63 -3.01
CA TYR C 175 -6.91 16.54 -2.88
C TYR C 175 -6.37 16.98 -1.47
N ALA C 176 -5.05 17.23 -1.41
CA ALA C 176 -4.34 17.77 -0.25
C ALA C 176 -3.47 18.91 -0.69
N ALA C 177 -3.43 20.00 0.08
CA ALA C 177 -2.35 21.02 0.05
C ALA C 177 -1.78 21.37 1.43
N SER C 178 -0.88 22.34 1.48
CA SER C 178 -0.09 22.66 2.67
C SER C 178 0.16 24.12 2.53
N SER C 179 0.15 24.83 3.65
CA SER C 179 0.61 26.21 3.70
C SER C 179 1.51 26.48 4.93
N TYR C 180 2.58 27.23 4.70
CA TYR C 180 3.58 27.55 5.75
C TYR C 180 3.70 29.06 5.98
N LEU C 181 3.67 29.48 7.26
CA LEU C 181 3.98 30.84 7.63
C LEU C 181 5.26 30.85 8.42
N SER C 182 6.31 31.47 7.87
CA SER C 182 7.54 31.69 8.62
C SER C 182 7.53 33.04 9.33
N LEU C 183 7.77 32.95 10.64
CA LEU C 183 7.80 34.07 11.55
C LEU C 183 9.15 34.04 12.27
N THR C 184 9.55 35.20 12.80
CA THR C 184 10.64 35.19 13.78
C THR C 184 10.04 34.82 15.18
N PRO C 185 10.83 34.15 16.06
CA PRO C 185 10.37 33.84 17.41
C PRO C 185 9.75 35.00 18.18
N GLU C 186 10.20 36.23 17.89
CA GLU C 186 9.68 37.42 18.55
C GLU C 186 8.44 38.05 17.88
N GLN C 187 8.08 37.66 16.66
CA GLN C 187 6.73 38.05 16.16
C GLN C 187 5.67 37.02 16.55
N TRP C 188 6.10 35.76 16.73
CA TRP C 188 5.22 34.72 17.23
C TRP C 188 4.76 35.13 18.63
N LYS C 189 5.70 35.63 19.43
CA LYS C 189 5.37 36.07 20.79
C LYS C 189 4.65 37.43 20.89
N SER C 190 4.60 38.19 19.79
CA SER C 190 3.98 39.53 19.82
C SER C 190 2.47 39.56 19.67
N HIS C 191 1.89 38.46 19.19
CA HIS C 191 0.46 38.38 19.07
C HIS C 191 -0.10 37.39 20.09
N ARG C 192 -1.42 37.46 20.27
CA ARG C 192 -2.14 36.58 21.19
C ARG C 192 -2.69 35.36 20.46
N SER C 193 -2.76 35.45 19.12
CA SER C 193 -3.30 34.40 18.24
C SER C 193 -2.89 34.54 16.74
N TYR C 194 -2.63 33.40 16.09
CA TYR C 194 -2.55 33.32 14.61
C TYR C 194 -3.61 32.38 14.02
N SER C 195 -4.18 32.75 12.88
CA SER C 195 -5.21 31.96 12.19
C SER C 195 -4.82 31.49 10.78
N CYS C 196 -5.27 30.28 10.42
CA CYS C 196 -5.25 29.81 9.04
C CYS C 196 -6.70 29.69 8.59
N GLN C 197 -7.05 30.45 7.57
CA GLN C 197 -8.42 30.60 7.17
C GLN C 197 -8.46 30.02 5.76
N VAL C 198 -9.08 28.86 5.58
CA VAL C 198 -9.08 28.14 4.29
C VAL C 198 -10.43 28.24 3.61
N THR C 199 -10.45 28.81 2.39
CA THR C 199 -11.68 28.88 1.56
C THR C 199 -11.69 27.85 0.41
N HIS C 200 -12.85 27.26 0.17
CA HIS C 200 -13.12 26.24 -0.84
C HIS C 200 -14.60 26.36 -1.15
N GLU C 201 -14.93 26.79 -2.38
CA GLU C 201 -16.33 26.83 -2.88
C GLU C 201 -17.23 27.73 -2.04
N GLY C 202 -16.82 28.99 -1.88
CA GLY C 202 -17.56 29.97 -1.07
C GLY C 202 -17.43 29.84 0.43
N ASN C 203 -17.23 28.60 0.90
CA ASN C 203 -17.13 28.23 2.33
C ASN C 203 -15.74 28.31 2.95
N THR C 204 -15.61 29.15 3.99
CA THR C 204 -14.37 29.29 4.75
C THR C 204 -14.39 28.48 6.04
N VAL C 205 -13.29 27.75 6.28
CA VAL C 205 -13.04 27.03 7.55
C VAL C 205 -11.85 27.72 8.23
N GLU C 206 -11.86 27.84 9.56
CA GLU C 206 -10.75 28.51 10.23
C GLU C 206 -10.17 27.73 11.40
N LYS C 207 -8.85 27.80 11.52
CA LYS C 207 -8.20 27.26 12.67
C LYS C 207 -7.38 28.39 13.27
N THR C 208 -6.96 28.21 14.51
CA THR C 208 -6.31 29.29 15.30
C THR C 208 -5.32 28.74 16.32
N VAL C 209 -4.13 29.34 16.30
CA VAL C 209 -3.11 29.03 17.29
C VAL C 209 -2.67 30.29 18.00
N ALA C 210 -2.01 30.10 19.14
CA ALA C 210 -1.65 31.17 20.08
C ALA C 210 -0.48 30.70 20.90
N PRO C 211 0.53 31.58 21.11
CA PRO C 211 1.70 31.35 21.98
C PRO C 211 1.52 30.56 23.30
N THR C 212 0.40 30.75 24.00
CA THR C 212 0.08 30.02 25.27
C THR C 212 1.29 29.50 26.13
N GLU D 1 8.25 -11.74 -8.31
CA GLU D 1 8.68 -12.78 -9.30
C GLU D 1 9.58 -12.19 -10.39
N VAL D 2 8.98 -11.86 -11.53
CA VAL D 2 9.60 -11.09 -12.62
C VAL D 2 9.90 -9.68 -12.15
N GLN D 3 11.11 -9.43 -11.66
CA GLN D 3 11.47 -8.08 -11.26
C GLN D 3 12.78 -7.53 -11.85
N LEU D 4 12.88 -6.20 -11.83
CA LEU D 4 14.08 -5.44 -12.22
C LEU D 4 14.42 -4.46 -11.10
N LEU D 5 15.60 -4.62 -10.56
CA LEU D 5 16.00 -3.91 -9.36
C LEU D 5 17.11 -2.91 -9.67
N GLU D 6 16.76 -1.61 -9.71
CA GLU D 6 17.70 -0.59 -10.06
C GLU D 6 18.31 0.16 -8.89
N SER D 7 19.52 0.69 -9.16
CA SER D 7 20.35 1.45 -8.24
C SER D 7 21.15 2.47 -9.00
N GLY D 8 21.68 3.42 -8.27
CA GLY D 8 22.70 4.29 -8.80
C GLY D 8 22.30 5.74 -9.01
N GLY D 9 21.03 6.09 -8.88
CA GLY D 9 20.70 7.50 -9.14
C GLY D 9 21.44 8.44 -8.21
N GLY D 10 21.15 9.74 -8.27
CA GLY D 10 21.84 10.68 -7.41
C GLY D 10 21.71 12.14 -7.79
N LEU D 11 22.21 13.00 -6.89
CA LEU D 11 22.44 14.41 -7.17
C LEU D 11 23.84 14.54 -7.78
N VAL D 12 23.96 15.25 -8.90
CA VAL D 12 25.24 15.36 -9.62
C VAL D 12 25.34 16.80 -10.08
N GLN D 13 26.56 17.36 -10.13
CA GLN D 13 26.77 18.71 -10.75
C GLN D 13 26.63 18.64 -12.29
N PRO D 14 26.27 19.76 -12.94
CA PRO D 14 26.44 19.80 -14.43
C PRO D 14 27.86 19.44 -14.87
N GLY D 15 28.00 18.62 -15.92
CA GLY D 15 29.29 18.07 -16.41
C GLY D 15 29.59 16.74 -15.77
N GLY D 16 28.86 16.42 -14.69
CA GLY D 16 29.10 15.21 -13.92
C GLY D 16 28.72 13.95 -14.64
N SER D 17 29.04 12.84 -14.02
CA SER D 17 28.76 11.54 -14.52
C SER D 17 28.05 10.68 -13.43
N LEU D 18 27.38 9.61 -13.86
CA LEU D 18 26.65 8.71 -12.96
C LEU D 18 26.51 7.42 -13.74
N ARG D 19 26.63 6.30 -13.05
CA ARG D 19 26.25 5.01 -13.62
C ARG D 19 25.01 4.34 -12.94
N LEU D 20 23.96 4.09 -13.72
CA LEU D 20 22.80 3.37 -13.24
C LEU D 20 22.95 1.90 -13.55
N SER D 21 22.36 1.06 -12.71
CA SER D 21 22.39 -0.41 -12.85
C SER D 21 20.98 -0.96 -12.59
N CYS D 22 20.80 -2.18 -13.06
CA CYS D 22 19.55 -2.80 -13.04
C CYS D 22 19.76 -4.29 -13.08
N ALA D 23 19.71 -4.91 -11.89
CA ALA D 23 19.81 -6.37 -11.65
C ALA D 23 18.46 -7.06 -11.77
N ALA D 24 18.36 -7.99 -12.71
CA ALA D 24 17.12 -8.68 -13.05
C ALA D 24 17.01 -10.03 -12.34
N SER D 25 15.80 -10.60 -12.38
CA SER D 25 15.51 -11.91 -11.81
C SER D 25 14.04 -12.33 -12.09
N GLY D 26 13.79 -13.64 -12.16
CA GLY D 26 12.45 -14.15 -12.41
C GLY D 26 12.18 -14.51 -13.84
N PHE D 27 13.14 -14.25 -14.73
CA PHE D 27 12.97 -14.45 -16.19
C PHE D 27 14.30 -14.57 -16.90
N THR D 28 14.33 -15.05 -18.14
CA THR D 28 15.60 -15.20 -18.84
C THR D 28 16.06 -13.84 -19.37
N PHE D 29 16.84 -13.16 -18.55
CA PHE D 29 17.29 -11.80 -18.83
C PHE D 29 17.94 -11.74 -20.21
N SER D 30 18.90 -12.64 -20.45
CA SER D 30 19.62 -12.75 -21.74
C SER D 30 18.78 -12.96 -22.99
N THR D 31 17.52 -13.37 -22.86
CA THR D 31 16.67 -13.48 -24.06
C THR D 31 15.67 -12.30 -24.26
N TYR D 32 15.70 -11.31 -23.36
CA TYR D 32 14.85 -10.11 -23.39
C TYR D 32 15.69 -8.93 -23.93
N GLN D 33 15.07 -8.05 -24.68
CA GLN D 33 15.70 -6.78 -25.11
C GLN D 33 15.37 -5.66 -24.05
N MET D 34 16.33 -4.81 -23.72
CA MET D 34 16.24 -3.96 -22.54
C MET D 34 16.43 -2.50 -22.90
N SER D 35 15.67 -1.62 -22.23
CA SER D 35 15.62 -0.19 -22.53
C SER D 35 15.86 0.54 -21.25
N TRP D 36 16.32 1.81 -21.36
CA TRP D 36 16.13 2.79 -20.33
C TRP D 36 15.11 3.81 -20.82
N VAL D 37 14.17 4.17 -19.95
CA VAL D 37 13.09 5.14 -20.21
C VAL D 37 13.19 6.10 -19.08
N ARG D 38 12.96 7.39 -19.32
CA ARG D 38 13.02 8.39 -18.25
C ARG D 38 11.85 9.28 -18.30
N GLN D 39 11.64 9.95 -17.20
CA GLN D 39 10.55 10.80 -17.09
C GLN D 39 10.95 11.98 -16.21
N ALA D 40 10.89 13.18 -16.78
CA ALA D 40 11.21 14.39 -16.03
C ALA D 40 10.01 14.81 -15.17
N PRO D 41 10.25 15.57 -14.09
CA PRO D 41 9.15 15.93 -13.23
C PRO D 41 7.99 16.58 -14.01
N GLY D 42 6.79 16.04 -13.79
CA GLY D 42 5.56 16.57 -14.33
C GLY D 42 5.44 16.25 -15.79
N LYS D 43 6.44 15.60 -16.38
CA LYS D 43 6.50 15.53 -17.84
C LYS D 43 6.33 14.09 -18.34
N GLY D 44 6.50 13.87 -19.64
CA GLY D 44 6.18 12.62 -20.26
C GLY D 44 7.28 11.59 -20.22
N LEU D 45 6.94 10.38 -20.68
CA LEU D 45 7.87 9.31 -20.81
C LEU D 45 8.73 9.54 -22.05
N GLU D 46 10.01 9.20 -21.93
CA GLU D 46 10.87 9.28 -23.06
C GLU D 46 11.88 8.18 -23.07
N TRP D 47 11.90 7.45 -24.16
CA TRP D 47 12.82 6.38 -24.43
C TRP D 47 14.19 6.95 -24.76
N VAL D 48 15.24 6.28 -24.27
CA VAL D 48 16.57 6.81 -24.03
C VAL D 48 17.61 5.98 -24.77
N SER D 49 17.70 4.69 -24.46
CA SER D 49 18.61 3.78 -25.14
C SER D 49 18.08 2.37 -25.02
N GLY D 50 18.44 1.52 -25.98
CA GLY D 50 17.99 0.14 -26.07
C GLY D 50 19.20 -0.70 -26.38
N ILE D 51 19.20 -1.95 -25.94
CA ILE D 51 20.24 -2.88 -26.23
C ILE D 51 19.52 -4.21 -26.55
N VAL D 52 20.02 -4.98 -27.50
CA VAL D 52 19.30 -6.20 -27.87
C VAL D 52 19.80 -7.34 -26.98
N SER D 53 19.01 -8.40 -26.88
CA SER D 53 19.29 -9.50 -25.95
C SER D 53 20.76 -9.91 -25.85
N SER D 54 21.50 -9.84 -26.98
CA SER D 54 22.92 -10.27 -26.99
C SER D 54 23.90 -9.28 -26.36
N GLY D 55 23.63 -7.99 -26.55
CA GLY D 55 24.68 -7.00 -26.26
C GLY D 55 25.36 -6.47 -27.52
N GLY D 56 26.25 -5.51 -27.34
CA GLY D 56 26.95 -4.89 -28.48
C GLY D 56 26.11 -3.96 -29.37
N SER D 57 24.94 -4.48 -29.81
CA SER D 57 24.00 -3.75 -30.67
C SER D 57 23.03 -2.93 -29.82
N THR D 58 23.08 -1.59 -30.04
CA THR D 58 22.45 -0.61 -29.17
C THR D 58 21.85 0.55 -29.98
N ALA D 59 20.75 1.12 -29.49
CA ALA D 59 20.14 2.33 -30.05
C ALA D 59 20.06 3.42 -28.96
N TYR D 60 20.19 4.68 -29.38
CA TYR D 60 20.17 5.84 -28.49
C TYR D 60 19.21 6.91 -28.96
N ALA D 61 18.45 7.53 -28.04
CA ALA D 61 17.74 8.75 -28.39
C ALA D 61 18.80 9.81 -28.70
N ASP D 62 18.46 10.77 -29.55
CA ASP D 62 19.47 11.70 -30.07
C ASP D 62 19.82 12.66 -28.97
N SER D 63 18.84 12.90 -28.08
CA SER D 63 19.02 13.59 -26.79
C SER D 63 20.22 13.14 -25.97
N VAL D 64 20.75 11.94 -26.19
CA VAL D 64 21.75 11.43 -25.29
C VAL D 64 22.91 10.78 -26.01
N LYS D 65 22.83 10.74 -27.34
CA LYS D 65 23.87 10.13 -28.18
C LYS D 65 25.18 10.87 -27.98
N GLY D 66 26.25 10.11 -27.91
CA GLY D 66 27.59 10.61 -27.58
C GLY D 66 27.86 10.79 -26.08
N ARG D 67 26.80 10.87 -25.27
CA ARG D 67 26.94 11.02 -23.81
C ARG D 67 26.61 9.78 -22.97
N PHE D 68 25.60 8.99 -23.36
CA PHE D 68 25.20 7.80 -22.59
C PHE D 68 25.69 6.52 -23.25
N THR D 69 25.95 5.49 -22.47
CA THR D 69 26.18 4.18 -23.04
C THR D 69 25.38 3.13 -22.27
N ILE D 70 24.43 2.51 -22.97
CA ILE D 70 23.76 1.34 -22.46
C ILE D 70 24.66 0.17 -22.73
N SER D 71 24.83 -0.68 -21.70
CA SER D 71 25.49 -1.98 -21.80
C SER D 71 24.77 -3.06 -20.99
N ARG D 72 25.25 -4.31 -21.10
CA ARG D 72 24.70 -5.43 -20.35
C ARG D 72 25.77 -6.52 -20.13
N ASP D 73 25.55 -7.39 -19.15
CA ASP D 73 26.12 -8.73 -19.16
C ASP D 73 25.15 -9.75 -18.68
N ASN D 74 24.91 -10.71 -19.56
CA ASN D 74 23.92 -11.71 -19.40
C ASN D 74 24.36 -12.84 -18.50
N SER D 75 25.62 -12.79 -18.05
CA SER D 75 26.13 -13.78 -17.13
C SER D 75 25.73 -13.36 -15.76
N LYS D 76 25.89 -12.05 -15.47
CA LYS D 76 25.48 -11.45 -14.18
C LYS D 76 24.08 -10.83 -14.17
N ASN D 77 23.26 -11.15 -15.17
CA ASN D 77 21.97 -10.48 -15.48
C ASN D 77 21.80 -9.02 -15.04
N THR D 78 22.64 -8.14 -15.57
CA THR D 78 22.65 -6.75 -15.15
C THR D 78 22.69 -5.85 -16.39
N LEU D 79 21.95 -4.74 -16.29
CA LEU D 79 21.83 -3.70 -17.29
C LEU D 79 22.43 -2.43 -16.74
N TYR D 80 23.19 -1.69 -17.57
CA TYR D 80 23.86 -0.49 -17.12
C TYR D 80 23.51 0.69 -18.00
N LEU D 81 23.68 1.90 -17.45
CA LEU D 81 23.58 3.14 -18.21
C LEU D 81 24.62 4.05 -17.62
N GLN D 82 25.65 4.33 -18.42
CA GLN D 82 26.69 5.25 -18.08
C GLN D 82 26.23 6.58 -18.62
N MET D 83 26.18 7.61 -17.79
CA MET D 83 25.70 8.89 -18.23
C MET D 83 26.82 9.90 -17.98
N ASN D 84 27.34 10.52 -19.04
CA ASN D 84 28.47 11.43 -18.89
C ASN D 84 28.02 12.85 -19.22
N SER D 85 28.80 13.85 -18.84
CA SER D 85 28.47 15.24 -19.26
C SER D 85 26.96 15.50 -19.09
N LEU D 86 26.48 15.37 -17.85
CA LEU D 86 25.06 15.49 -17.53
C LEU D 86 24.72 16.96 -17.46
N ARG D 87 23.49 17.30 -17.83
CA ARG D 87 23.06 18.66 -17.75
C ARG D 87 21.73 18.64 -17.05
N ALA D 88 21.21 19.80 -16.67
CA ALA D 88 20.04 19.90 -15.88
C ALA D 88 18.81 19.25 -16.52
N GLU D 89 18.70 19.36 -17.83
CA GLU D 89 17.58 18.77 -18.56
C GLU D 89 17.57 17.25 -18.50
N ASP D 90 18.63 16.62 -17.98
CA ASP D 90 18.69 15.17 -17.81
C ASP D 90 18.10 14.69 -16.46
N THR D 91 17.74 15.65 -15.60
CA THR D 91 17.04 15.47 -14.32
C THR D 91 15.71 14.75 -14.57
N ALA D 92 15.60 13.53 -14.04
CA ALA D 92 14.44 12.66 -14.30
C ALA D 92 14.42 11.42 -13.39
N VAL D 93 13.29 10.72 -13.32
CA VAL D 93 13.26 9.30 -12.96
C VAL D 93 13.68 8.41 -14.12
N TYR D 94 14.62 7.49 -13.89
CA TYR D 94 15.02 6.55 -14.93
C TYR D 94 14.51 5.14 -14.64
N TYR D 95 13.95 4.49 -15.66
CA TYR D 95 13.41 3.13 -15.51
C TYR D 95 14.11 2.22 -16.45
N CYS D 96 14.50 1.04 -16.00
CA CYS D 96 14.85 0.00 -16.90
C CYS D 96 13.54 -0.71 -17.18
N ALA D 97 13.42 -1.27 -18.36
CA ALA D 97 12.18 -1.86 -18.83
C ALA D 97 12.60 -2.92 -19.81
N GLY D 98 12.00 -4.11 -19.75
CA GLY D 98 12.39 -5.13 -20.71
C GLY D 98 11.31 -5.62 -21.64
N GLU D 99 11.75 -6.29 -22.71
CA GLU D 99 10.87 -6.71 -23.84
C GLU D 99 11.35 -8.00 -24.56
N LEU D 100 10.86 -9.19 -24.13
CA LEU D 100 11.30 -10.51 -24.71
C LEU D 100 11.23 -10.58 -26.27
N LEU D 101 10.03 -10.43 -26.82
CA LEU D 101 9.88 -10.39 -28.28
C LEU D 101 9.94 -8.91 -28.74
N PRO D 102 10.83 -8.58 -29.73
CA PRO D 102 11.02 -7.16 -30.09
C PRO D 102 9.74 -6.57 -30.70
N TYR D 103 9.52 -5.26 -30.53
CA TYR D 103 8.30 -4.61 -31.03
C TYR D 103 7.01 -5.03 -30.28
N TYR D 104 7.14 -5.97 -29.34
CA TYR D 104 5.99 -6.35 -28.50
C TYR D 104 5.64 -5.14 -27.59
N GLY D 105 6.66 -4.59 -26.93
CA GLY D 105 6.49 -3.49 -25.96
C GLY D 105 7.20 -3.88 -24.69
N MET D 106 7.35 -2.94 -23.74
CA MET D 106 7.97 -3.25 -22.44
C MET D 106 6.98 -3.60 -21.28
N ASP D 107 7.02 -4.86 -20.80
CA ASP D 107 6.16 -5.29 -19.70
C ASP D 107 6.91 -5.86 -18.46
N VAL D 108 8.20 -5.61 -18.40
CA VAL D 108 8.91 -5.64 -17.10
C VAL D 108 9.55 -4.29 -16.88
N TRP D 109 9.32 -3.72 -15.70
CA TRP D 109 9.75 -2.38 -15.36
C TRP D 109 10.35 -2.34 -14.00
N GLY D 110 11.47 -1.62 -13.86
CA GLY D 110 12.05 -1.35 -12.58
C GLY D 110 11.21 -0.30 -11.91
N GLN D 111 11.50 -0.01 -10.65
CA GLN D 111 10.77 0.92 -9.83
C GLN D 111 11.23 2.36 -10.02
N GLY D 112 12.33 2.55 -10.75
CA GLY D 112 12.85 3.88 -11.05
C GLY D 112 13.85 4.38 -10.06
N THR D 113 14.84 5.13 -10.57
CA THR D 113 15.88 5.79 -9.76
C THR D 113 15.92 7.28 -10.13
N THR D 114 15.90 8.17 -9.15
CA THR D 114 15.93 9.56 -9.42
C THR D 114 17.35 10.11 -9.68
N VAL D 115 17.53 10.80 -10.81
CA VAL D 115 18.80 11.50 -11.14
C VAL D 115 18.55 12.99 -11.05
N THR D 116 19.25 13.72 -10.18
CA THR D 116 19.14 15.20 -10.14
C THR D 116 20.47 15.86 -10.63
N VAL D 117 20.36 16.76 -11.62
CA VAL D 117 21.55 17.43 -12.13
C VAL D 117 21.32 18.85 -11.78
N SER D 118 22.12 19.34 -10.82
CA SER D 118 21.92 20.71 -10.32
C SER D 118 23.26 21.32 -9.92
N SER D 119 23.34 22.64 -9.89
CA SER D 119 24.49 23.31 -9.32
C SER D 119 24.34 23.53 -7.77
N ALA D 120 23.19 23.18 -7.20
CA ALA D 120 22.91 23.30 -5.77
C ALA D 120 23.36 22.03 -5.01
N SER D 121 23.83 22.20 -3.78
CA SER D 121 24.37 21.07 -3.02
C SER D 121 23.25 20.39 -2.21
N THR D 122 23.47 19.17 -1.80
CA THR D 122 22.52 18.48 -0.97
C THR D 122 22.44 19.18 0.36
N LYS D 123 21.21 19.37 0.83
CA LYS D 123 20.97 19.82 2.21
C LYS D 123 20.10 18.77 2.93
N GLY D 124 20.55 18.25 4.07
CA GLY D 124 19.79 17.31 4.86
C GLY D 124 18.69 18.02 5.62
N PRO D 125 17.61 17.29 5.98
CA PRO D 125 16.49 17.99 6.67
C PRO D 125 16.73 18.31 8.13
N SER D 126 16.11 19.39 8.62
CA SER D 126 15.83 19.53 10.06
C SER D 126 14.47 18.98 10.37
N VAL D 127 14.37 18.07 11.33
CA VAL D 127 13.05 17.46 11.73
C VAL D 127 12.56 18.09 13.05
N PHE D 128 11.34 18.64 13.04
CA PHE D 128 10.73 19.21 14.26
C PHE D 128 9.41 18.47 14.63
N PRO D 129 9.18 18.17 15.93
CA PRO D 129 7.96 17.45 16.34
C PRO D 129 6.74 18.34 16.35
N LEU D 130 5.62 17.89 15.78
CA LEU D 130 4.36 18.69 15.79
C LEU D 130 3.41 18.05 16.83
N ALA D 131 3.51 18.59 18.05
CA ALA D 131 2.91 18.04 19.28
C ALA D 131 1.41 18.07 19.28
N PRO D 132 0.78 16.99 19.81
CA PRO D 132 -0.69 16.96 19.94
C PRO D 132 -1.12 18.12 20.82
N SER D 133 -2.01 18.96 20.32
CA SER D 133 -2.66 20.00 21.13
C SER D 133 -3.37 19.43 22.38
N SER D 134 -3.38 20.22 23.46
CA SER D 134 -4.15 19.90 24.68
C SER D 134 -5.50 20.70 24.70
N LYS D 135 -6.28 20.54 23.61
CA LYS D 135 -7.52 21.29 23.34
C LYS D 135 -8.61 20.34 22.81
N SER D 136 -8.50 20.02 21.50
CA SER D 136 -9.32 19.02 20.83
C SER D 136 -9.13 17.59 21.42
N THR D 137 -8.22 17.49 22.40
CA THR D 137 -8.07 16.29 23.28
C THR D 137 -9.14 16.25 24.43
N SER D 138 -10.05 17.24 24.43
CA SER D 138 -11.35 17.16 25.14
C SER D 138 -12.18 16.11 24.37
N GLY D 139 -12.15 16.22 23.03
CA GLY D 139 -12.72 15.25 22.08
C GLY D 139 -11.87 13.98 21.89
N GLY D 140 -12.38 13.08 21.07
CA GLY D 140 -11.80 11.74 20.94
C GLY D 140 -10.47 11.63 20.23
N THR D 141 -10.20 12.57 19.33
CA THR D 141 -9.09 12.37 18.41
C THR D 141 -7.98 13.44 18.50
N ALA D 142 -6.72 13.01 18.30
CA ALA D 142 -5.57 13.91 18.28
C ALA D 142 -4.72 13.76 17.00
N ALA D 143 -4.39 14.92 16.39
CA ALA D 143 -3.35 15.07 15.32
C ALA D 143 -1.94 15.37 15.85
N LEU D 144 -1.00 14.49 15.50
CA LEU D 144 0.41 14.68 15.78
C LEU D 144 1.24 14.50 14.48
N GLY D 145 2.45 15.04 14.45
CA GLY D 145 3.31 14.87 13.31
C GLY D 145 4.70 15.47 13.44
N CYS D 146 5.34 15.66 12.29
CA CYS D 146 6.75 16.00 12.13
C CYS D 146 6.84 16.98 10.96
N LEU D 147 7.61 18.04 11.17
CA LEU D 147 7.97 19.02 10.19
C LEU D 147 9.38 18.70 9.70
N VAL D 148 9.50 18.56 8.40
CA VAL D 148 10.72 18.11 7.79
C VAL D 148 11.22 19.32 6.93
N LYS D 149 12.15 20.13 7.48
CA LYS D 149 12.44 21.45 6.95
C LYS D 149 13.75 21.48 6.14
N ASP D 150 13.71 22.22 5.01
CA ASP D 150 14.94 22.68 4.33
C ASP D 150 15.91 21.63 3.82
N TYR D 151 15.45 20.78 2.90
CA TYR D 151 16.26 19.69 2.34
C TYR D 151 16.32 20.00 0.80
N PHE D 152 17.39 19.65 0.13
CA PHE D 152 17.39 19.26 -1.25
C PHE D 152 18.27 18.10 -1.60
N PRO D 153 17.94 17.33 -2.67
CA PRO D 153 16.76 17.38 -3.49
C PRO D 153 15.65 16.64 -2.69
N GLU D 154 14.41 16.53 -3.14
CA GLU D 154 13.67 15.30 -3.51
C GLU D 154 14.24 13.92 -3.75
N PRO D 155 13.65 12.89 -3.06
CA PRO D 155 12.60 13.00 -2.02
C PRO D 155 13.05 12.72 -0.57
N VAL D 156 12.14 12.96 0.37
CA VAL D 156 12.22 12.46 1.77
C VAL D 156 11.11 11.37 1.95
N THR D 157 11.47 10.26 2.62
CA THR D 157 10.60 9.21 3.13
C THR D 157 10.24 9.46 4.62
N VAL D 158 8.93 9.39 4.98
CA VAL D 158 8.51 9.37 6.40
C VAL D 158 7.64 8.13 6.80
N SER D 159 8.07 7.40 7.81
CA SER D 159 7.33 6.32 8.41
C SER D 159 7.16 6.57 9.92
N TRP D 160 6.40 5.74 10.61
CA TRP D 160 6.09 5.97 12.02
C TRP D 160 6.29 4.71 12.85
N ASN D 161 6.81 4.87 14.07
CA ASN D 161 7.16 3.74 14.94
C ASN D 161 7.82 2.63 14.17
N SER D 162 8.93 3.02 13.52
CA SER D 162 9.70 2.23 12.54
C SER D 162 8.94 1.51 11.47
N GLY D 163 7.79 2.02 11.06
CA GLY D 163 7.02 1.38 10.00
C GLY D 163 5.82 0.55 10.47
N ALA D 164 5.76 0.27 11.78
CA ALA D 164 4.64 -0.44 12.39
C ALA D 164 3.34 0.40 12.38
N LEU D 165 3.48 1.73 12.39
CA LEU D 165 2.33 2.64 12.37
C LEU D 165 2.06 3.06 10.93
N THR D 166 0.86 2.77 10.47
CA THR D 166 0.50 2.99 9.08
C THR D 166 -0.89 3.59 8.98
N SER D 167 -1.71 3.31 10.00
CA SER D 167 -3.09 3.76 10.02
C SER D 167 -3.15 5.18 10.57
N GLY D 168 -3.89 6.03 9.91
CA GLY D 168 -3.99 7.41 10.34
C GLY D 168 -2.85 8.32 9.86
N VAL D 169 -1.99 7.83 8.97
CA VAL D 169 -0.73 8.50 8.57
C VAL D 169 -0.97 9.15 7.23
N HIS D 170 -0.72 10.46 7.16
CA HIS D 170 -0.74 11.22 5.91
C HIS D 170 0.54 12.09 5.85
N THR D 171 1.44 11.73 4.95
CA THR D 171 2.61 12.54 4.61
C THR D 171 2.31 13.47 3.42
N PHE D 172 2.38 14.77 3.65
CA PHE D 172 1.96 15.72 2.61
C PHE D 172 3.06 15.98 1.57
N PRO D 173 2.68 16.34 0.31
CA PRO D 173 3.75 16.70 -0.66
C PRO D 173 4.42 18.00 -0.26
N ALA D 174 5.70 18.07 -0.61
CA ALA D 174 6.63 19.08 -0.15
C ALA D 174 6.31 20.41 -0.77
N VAL D 175 6.60 21.50 -0.04
CA VAL D 175 6.57 22.90 -0.55
C VAL D 175 7.99 23.30 -1.01
N LEU D 176 8.11 23.82 -2.23
CA LEU D 176 9.37 24.35 -2.73
C LEU D 176 9.43 25.81 -2.33
N GLN D 177 10.40 26.16 -1.49
CA GLN D 177 10.53 27.54 -1.03
C GLN D 177 11.31 28.41 -2.03
N SER D 178 11.24 29.73 -1.82
CA SER D 178 12.04 30.76 -2.53
C SER D 178 13.52 30.40 -2.57
N SER D 179 13.98 29.90 -1.42
CA SER D 179 15.35 29.52 -1.25
C SER D 179 15.73 28.39 -2.18
N GLY D 180 14.76 27.70 -2.79
CA GLY D 180 15.06 26.43 -3.51
C GLY D 180 15.19 25.16 -2.66
N LEU D 181 15.07 25.29 -1.33
CA LEU D 181 14.91 24.10 -0.40
C LEU D 181 13.45 23.64 -0.27
N TYR D 182 13.25 22.34 -0.08
CA TYR D 182 11.92 21.74 0.22
C TYR D 182 11.66 21.63 1.71
N SER D 183 10.40 21.70 2.12
CA SER D 183 9.93 21.23 3.41
C SER D 183 8.65 20.42 3.21
N LEU D 184 8.43 19.42 4.03
CA LEU D 184 7.13 18.72 4.05
C LEU D 184 6.67 18.43 5.50
N SER D 185 5.41 18.05 5.69
CA SER D 185 4.97 17.56 7.03
C SER D 185 4.30 16.20 6.92
N SER D 186 4.51 15.34 7.90
CA SER D 186 3.77 14.07 8.06
C SER D 186 2.91 14.21 9.31
N VAL D 187 1.65 13.79 9.21
CA VAL D 187 0.67 13.81 10.32
C VAL D 187 0.02 12.47 10.59
N VAL D 188 -0.14 12.16 11.87
CA VAL D 188 -0.84 10.95 12.24
C VAL D 188 -2.00 11.36 13.12
N THR D 189 -3.19 10.85 12.85
CA THR D 189 -4.26 11.10 13.77
C THR D 189 -4.50 9.86 14.63
N VAL D 190 -4.53 10.05 15.94
CA VAL D 190 -4.48 8.95 16.88
C VAL D 190 -5.60 9.14 17.93
N PRO D 191 -6.04 8.04 18.60
CA PRO D 191 -6.99 8.28 19.75
C PRO D 191 -6.28 9.14 20.79
N SER D 192 -6.83 10.30 21.12
CA SER D 192 -6.41 11.02 22.32
C SER D 192 -6.05 10.11 23.50
N SER D 193 -6.89 9.12 23.80
CA SER D 193 -6.69 8.22 24.97
C SER D 193 -5.38 7.47 24.96
N SER D 194 -4.77 7.36 23.77
CA SER D 194 -3.45 6.72 23.60
C SER D 194 -2.24 7.63 23.95
N LEU D 195 -2.48 8.92 24.06
CA LEU D 195 -1.39 9.90 24.22
C LEU D 195 -0.57 9.80 25.53
N GLY D 196 -0.80 8.77 26.34
CA GLY D 196 -0.06 8.64 27.61
C GLY D 196 0.74 7.36 27.61
N THR D 197 0.14 6.32 27.05
CA THR D 197 0.74 5.00 27.02
C THR D 197 1.51 4.76 25.72
N GLN D 198 1.05 5.38 24.63
CA GLN D 198 1.63 5.20 23.31
C GLN D 198 2.69 6.25 22.85
N THR D 199 3.82 5.68 22.43
CA THR D 199 4.98 6.38 21.88
C THR D 199 4.87 6.51 20.35
N TYR D 200 5.03 7.74 19.85
CA TYR D 200 4.92 8.01 18.41
C TYR D 200 6.21 8.58 17.91
N ILE D 201 6.96 7.76 17.17
CA ILE D 201 8.23 8.22 16.58
C ILE D 201 8.15 8.30 15.04
N CYS D 202 8.48 9.46 14.48
CA CYS D 202 8.56 9.61 13.03
C CYS D 202 9.97 9.30 12.51
N ASN D 203 10.08 8.53 11.43
CA ASN D 203 11.37 8.10 10.99
C ASN D 203 11.51 8.77 9.66
N VAL D 204 12.46 9.70 9.60
CA VAL D 204 12.65 10.50 8.41
C VAL D 204 13.87 10.02 7.72
N ASN D 205 13.70 9.69 6.44
CA ASN D 205 14.79 9.30 5.61
C ASN D 205 14.93 10.20 4.36
N HIS D 206 16.15 10.68 4.13
CA HIS D 206 16.56 11.50 2.98
C HIS D 206 17.90 10.93 2.52
N LYS D 207 17.84 10.08 1.50
CA LYS D 207 18.99 9.41 0.87
C LYS D 207 20.09 10.35 0.41
N PRO D 208 19.75 11.39 -0.38
CA PRO D 208 20.83 12.18 -0.97
C PRO D 208 21.88 12.63 0.06
N SER D 209 21.42 12.88 1.28
CA SER D 209 22.28 13.41 2.32
C SER D 209 22.63 12.37 3.34
N ASN D 210 22.35 11.11 3.04
CA ASN D 210 22.42 9.97 4.00
C ASN D 210 21.79 10.25 5.39
N THR D 211 20.69 11.01 5.42
CA THR D 211 20.02 11.40 6.67
C THR D 211 18.85 10.42 7.05
N LYS D 212 18.95 9.83 8.26
CA LYS D 212 17.91 9.02 8.94
C LYS D 212 17.72 9.57 10.34
N VAL D 213 16.63 10.27 10.59
CA VAL D 213 16.36 10.92 11.89
C VAL D 213 15.12 10.24 12.52
N ASP D 214 15.23 9.82 13.78
CA ASP D 214 14.02 9.40 14.52
C ASP D 214 13.66 10.50 15.47
N LYS D 215 12.46 11.02 15.35
CA LYS D 215 12.05 12.04 16.25
C LYS D 215 10.81 11.57 17.04
N LYS D 216 10.96 11.55 18.38
CA LYS D 216 9.84 11.22 19.26
C LYS D 216 8.95 12.41 19.30
N VAL D 217 7.67 12.16 19.05
CA VAL D 217 6.65 13.21 19.18
C VAL D 217 5.82 13.06 20.48
N GLU D 218 5.94 14.05 21.35
CA GLU D 218 5.30 14.04 22.67
C GLU D 218 4.24 15.12 22.85
N PRO D 219 3.27 14.92 23.76
CA PRO D 219 2.55 16.10 24.23
C PRO D 219 3.46 17.26 24.73
N LYS D 220 2.97 18.49 24.56
CA LYS D 220 3.74 19.74 24.68
C LYS D 220 3.57 20.49 26.02
#